data_8V81
#
_entry.id   8V81
#
_cell.length_a   1.00
_cell.length_b   1.00
_cell.length_c   1.00
_cell.angle_alpha   90.00
_cell.angle_beta   90.00
_cell.angle_gamma   90.00
#
_symmetry.space_group_name_H-M   'P 1'
#
loop_
_entity.id
_entity.type
_entity.pdbx_description
1 polymer 'Cystic fibrosis transmembrane conductance regulator'
2 non-polymer 'MAGNESIUM ION'
3 non-polymer "ADENOSINE-5'-TRIPHOSPHATE"
4 non-polymer '(2S)-3-(hexadecanoyloxy)-2-[(9Z)-octadec-9-enoyloxy]propyl 2-(trimethylammonio)ethyl phosphate'
5 non-polymer CHOLESTEROL
6 non-polymer '4-[(Z)-{(3M)-4-oxo-2-sulfanylidene-3-[3-(trifluoromethyl)phenyl]-1,3-thiazolidin-5-ylidene}methyl]benzoic acid'
#
_entity_poly.entity_id   1
_entity_poly.type   'polypeptide(L)'
_entity_poly.pdbx_seq_one_letter_code
;RSPLEKASVVSKLFFSWTRPILRKGYRQRLELSDIYQIPSVDSADNLSEKLEREWDRELASKKNPKLINALRRCFFWRFM
FYGIFLYLGEVTKAVQPLLLGRIIASYDPDNKEERSIAIYLGIGLCLLFIVRTLLLHPAIFGLHHIGMQMRIAMFSLIYK
KTLKLSSRVLDKISIGQLVSLLSNNLNKFDEGLALAHFVWIAPLQVALLMGLIWELLQASAFCGLGFLIVLALFQAGLGR
MMMKYRDQRAGKISERLVITSEMIENIQSVKAYCWEEAMEKMIENLRQTELKLTRKAAYVRYFNSSAFFFSGFFVVFLSV
LPYALIKGIILRKIFTTISFCIVLRMAVTRQFPWAVQTWYDSLGAINKIQDFLQKQEYKTLEYNLTTTEVVMENVTAFWE
EGFGELFEKAKQNNNNRKTSNGDDSLFFSNFSLLGTPVLKDINFKIERGQLLAVAGSTGAGKTSLLMVIMGELEPSEGKI
KHSGRISFCPQFPWIMPGTIKENIIFGVSYDEYRYRSVIKACQLEEDISKFPEKDNTVLGEGGITLSGGQRAKISLARAV
YKDADLYLLDSPFGYLDVLTEKEIFESCVCKLMANKTRILVTSKMEHLKKADKILILHEGSSYFYGTFSELQNLQPDFSS
KLMGCDSFDQFSAERRNSILTETLHRFSLEGDAPVSWTETKKQSFKQTGEFGEKRKNSILNPINSIRKFSIVQKTPLQMN
GIEEDSDEPLERRLSLVPDSEQGEAILPRISVISTGPTLQARRRQSVLNLMTHSVNQGQNIHRKTTASTRKVSLAPQANL
TELDIYSRRLSQETGLEISEEINEEDLKECFFDDMESIPAVTTWNTYLRYITVHKSLIFVLIWCLVIFLAEVAASLVVLW
LLGNTPLQDKGNSTHSRNNSYAVIITSTSSYYVFYIYVGVADTLLAMGFFRGLPLVHTLITVSKILHHKMLHSVLQAPMS
TLNTLKAGGILNRFSKDIAILDDLLPLTIFDFIQLLLIVIGAIAVVAVLQPYIFVATVPVIVAFIMLRAYFLQTSQQLKQ
LESEGRSPIFTHLVTSLKGLWTLRAFGRQPYFETLFHKALNLHTANWFLYLSTLRWFQMRIEMIFVIFFIAVTFISILTT
GEGEGRVGIILTLAMNIMSTLQWAVNSSIDVDSLMRSVSRVFKFIDMPTEGKPTKSTKPYKNGQLSKVMIIENSHVKKDD
IWPSGGQMTVKDLTAKYTEGGNAILENISFSISPGQRVGLLGRTGSGKSTLLSAFLRLLNTEGEIQIDGVSWDSITLQQW
RKAFGVIPQKVFIFSGTFRKNLDPYEQWSDQEIWKVADEVGLRSVIEQFPGKLDFVLVDGGCVLSHGHKQLMCLARSVLS
KAKILLLDQPSAHLDPVTYQIIRRTLKQAFADCTVILCEHRIEAMLECQQFLVIEENKVRQYDSIQKLLNERSLFRQA
;
_entity_poly.pdbx_strand_id   A
#
loop_
_chem_comp.id
_chem_comp.type
_chem_comp.name
_chem_comp.formula
ATP non-polymer ADENOSINE-5'-TRIPHOSPHATE 'C10 H16 N5 O13 P3'
CLR non-polymer CHOLESTEROL 'C27 H46 O'
MG non-polymer 'MAGNESIUM ION' 'Mg 2'
POV non-polymer '(2S)-3-(hexadecanoyloxy)-2-[(9Z)-octadec-9-enoyloxy]propyl 2-(trimethylammonio)ethyl phosphate' 'C42 H82 N O8 P'
WG5 non-polymer '4-[(Z)-{(3M)-4-oxo-2-sulfanylidene-3-[3-(trifluoromethyl)phenyl]-1,3-thiazolidin-5-ylidene}methyl]benzoic acid' 'C18 H10 F3 N O3 S2'
#
# COMPACT_ATOMS: atom_id res chain seq x y z
N ARG A 1 -3.24 9.91 28.65
CA ARG A 1 -3.64 8.52 28.72
C ARG A 1 -5.14 8.35 28.44
N SER A 2 -5.51 7.20 27.90
CA SER A 2 -6.92 6.92 27.66
C SER A 2 -7.66 6.77 28.99
N PRO A 3 -8.90 7.23 29.08
CA PRO A 3 -9.66 7.11 30.33
C PRO A 3 -10.29 5.73 30.54
N LEU A 4 -10.18 4.82 29.56
CA LEU A 4 -10.72 3.48 29.76
C LEU A 4 -9.99 2.75 30.88
N GLU A 5 -8.71 3.08 31.10
CA GLU A 5 -7.96 2.44 32.17
C GLU A 5 -8.56 2.77 33.53
N LYS A 6 -8.98 4.02 33.73
CA LYS A 6 -9.60 4.47 34.98
C LYS A 6 -10.99 5.00 34.66
N ALA A 7 -11.98 4.10 34.67
CA ALA A 7 -13.36 4.48 34.40
C ALA A 7 -14.28 3.48 35.07
N SER A 8 -15.43 3.98 35.53
CA SER A 8 -16.39 3.15 36.22
C SER A 8 -17.08 2.20 35.24
N VAL A 9 -17.75 1.19 35.80
CA VAL A 9 -18.44 0.21 34.96
C VAL A 9 -19.55 0.86 34.16
N VAL A 10 -20.34 1.73 34.79
CA VAL A 10 -21.42 2.40 34.08
C VAL A 10 -20.85 3.38 33.05
N SER A 11 -19.73 4.02 33.37
CA SER A 11 -19.11 4.94 32.42
C SER A 11 -18.62 4.20 31.19
N LYS A 12 -18.06 3.01 31.37
CA LYS A 12 -17.63 2.21 30.22
C LYS A 12 -18.82 1.66 29.44
N LEU A 13 -19.90 1.32 30.15
CA LEU A 13 -21.10 0.81 29.48
C LEU A 13 -21.72 1.90 28.60
N PHE A 14 -21.78 3.13 29.10
CA PHE A 14 -22.36 4.22 28.32
C PHE A 14 -21.38 4.84 27.33
N PHE A 15 -20.10 4.44 27.36
CA PHE A 15 -19.08 4.95 26.44
C PHE A 15 -18.92 6.45 26.55
N SER A 16 -19.22 7.02 27.72
CA SER A 16 -19.25 8.46 27.91
C SER A 16 -17.87 9.09 27.99
N TRP A 17 -16.81 8.36 27.71
CA TRP A 17 -15.45 8.89 27.84
C TRP A 17 -14.94 9.53 26.56
N THR A 18 -15.73 9.55 25.48
CA THR A 18 -15.37 10.25 24.26
C THR A 18 -15.92 11.68 24.21
N ARG A 19 -16.68 12.08 25.23
CA ARG A 19 -17.25 13.43 25.25
C ARG A 19 -16.20 14.53 25.23
N PRO A 20 -15.12 14.49 26.01
CA PRO A 20 -14.14 15.59 25.94
C PRO A 20 -13.50 15.74 24.57
N ILE A 21 -13.05 14.64 23.96
CA ILE A 21 -12.41 14.75 22.66
C ILE A 21 -13.42 15.17 21.60
N LEU A 22 -14.65 14.68 21.69
CA LEU A 22 -15.67 15.10 20.73
C LEU A 22 -15.97 16.58 20.83
N ARG A 23 -16.10 17.09 22.06
CA ARG A 23 -16.34 18.52 22.26
C ARG A 23 -15.17 19.35 21.74
N LYS A 24 -13.94 18.90 22.00
CA LYS A 24 -12.77 19.63 21.52
C LYS A 24 -12.73 19.66 19.99
N GLY A 25 -12.97 18.50 19.36
CA GLY A 25 -12.87 18.40 17.91
C GLY A 25 -14.01 19.02 17.15
N TYR A 26 -15.17 19.17 17.77
CA TYR A 26 -16.29 19.82 17.09
C TYR A 26 -16.00 21.29 16.83
N ARG A 27 -15.40 21.98 17.80
CA ARG A 27 -15.16 23.41 17.71
C ARG A 27 -13.68 23.76 17.62
N GLN A 28 -12.81 22.78 17.36
CA GLN A 28 -11.40 23.05 17.20
C GLN A 28 -10.79 21.95 16.35
N ARG A 29 -9.59 22.22 15.82
CA ARG A 29 -8.87 21.24 15.02
C ARG A 29 -8.19 20.22 15.92
N LEU A 30 -8.24 18.96 15.51
CA LEU A 30 -7.65 17.87 16.27
C LEU A 30 -6.20 17.66 15.84
N GLU A 31 -5.30 17.64 16.81
CA GLU A 31 -3.87 17.47 16.56
C GLU A 31 -3.40 16.16 17.17
N LEU A 32 -2.22 15.72 16.71
CA LEU A 32 -1.65 14.47 17.20
C LEU A 32 -1.35 14.55 18.69
N SER A 33 -0.91 15.71 19.17
CA SER A 33 -0.60 15.87 20.59
C SER A 33 -1.84 15.65 21.45
N ASP A 34 -2.98 16.21 21.05
CA ASP A 34 -4.23 16.04 21.79
C ASP A 34 -4.99 14.82 21.29
N ILE A 35 -4.31 13.68 21.38
CA ILE A 35 -4.87 12.38 21.03
C ILE A 35 -4.66 11.44 22.21
N TYR A 36 -5.72 10.73 22.59
CA TYR A 36 -5.64 9.81 23.72
C TYR A 36 -4.57 8.75 23.48
N GLN A 37 -3.83 8.42 24.54
CA GLN A 37 -2.71 7.50 24.43
C GLN A 37 -3.22 6.07 24.28
N ILE A 38 -2.29 5.13 24.26
CA ILE A 38 -2.60 3.71 24.07
C ILE A 38 -2.54 3.03 25.43
N PRO A 39 -3.40 2.05 25.71
CA PRO A 39 -3.33 1.32 26.97
C PRO A 39 -2.30 0.19 26.88
N SER A 40 -2.19 -0.56 27.97
CA SER A 40 -1.25 -1.67 28.06
C SER A 40 -1.80 -2.96 27.48
N VAL A 41 -3.03 -2.97 27.00
CA VAL A 41 -3.62 -4.18 26.42
C VAL A 41 -3.39 -4.25 24.92
N ASP A 42 -3.39 -3.09 24.24
CA ASP A 42 -3.22 -3.03 22.81
C ASP A 42 -1.77 -2.88 22.37
N SER A 43 -0.83 -2.83 23.31
CA SER A 43 0.58 -2.66 22.95
C SER A 43 1.07 -3.88 22.18
N ALA A 44 1.76 -3.63 21.06
CA ALA A 44 2.18 -4.71 20.19
C ALA A 44 3.21 -5.61 20.86
N ASP A 45 4.09 -5.03 21.68
CA ASP A 45 5.16 -5.82 22.31
C ASP A 45 4.60 -6.93 23.18
N ASN A 46 3.44 -6.72 23.81
CA ASN A 46 2.80 -7.75 24.61
C ASN A 46 1.79 -8.56 23.80
N LEU A 47 1.10 -7.91 22.87
CA LEU A 47 0.06 -8.59 22.10
C LEU A 47 0.65 -9.58 21.09
N SER A 48 1.94 -9.43 20.75
CA SER A 48 2.62 -10.42 19.93
C SER A 48 3.33 -11.47 20.75
N GLU A 49 3.77 -11.11 21.96
CA GLU A 49 4.40 -12.09 22.83
C GLU A 49 3.38 -13.08 23.37
N LYS A 50 2.12 -12.65 23.53
CA LYS A 50 1.10 -13.59 23.97
C LYS A 50 0.72 -14.61 22.90
N LEU A 51 1.06 -14.34 21.63
CA LEU A 51 0.73 -15.23 20.53
C LEU A 51 1.92 -16.03 20.03
N GLU A 52 3.12 -15.47 20.10
CA GLU A 52 4.31 -16.20 19.65
C GLU A 52 4.54 -17.43 20.49
N ARG A 53 4.26 -17.36 21.79
CA ARG A 53 4.42 -18.51 22.66
C ARG A 53 3.50 -19.65 22.20
N GLU A 54 2.22 -19.35 21.98
CA GLU A 54 1.28 -20.38 21.55
C GLU A 54 1.65 -20.94 20.18
N TRP A 55 2.06 -20.07 19.26
CA TRP A 55 2.44 -20.53 17.93
C TRP A 55 3.66 -21.44 17.99
N ASP A 56 4.64 -21.09 18.81
CA ASP A 56 5.83 -21.93 18.95
C ASP A 56 5.50 -23.27 19.59
N ARG A 57 4.62 -23.27 20.60
CA ARG A 57 4.21 -24.53 21.20
C ARG A 57 3.49 -25.42 20.19
N GLU A 58 2.60 -24.82 19.39
CA GLU A 58 1.92 -25.60 18.35
C GLU A 58 2.93 -26.16 17.35
N LEU A 59 3.90 -25.33 16.94
CA LEU A 59 4.90 -25.78 15.96
C LEU A 59 5.74 -26.94 16.51
N ALA A 60 6.12 -26.86 17.79
CA ALA A 60 6.98 -27.87 18.37
C ALA A 60 6.22 -29.07 18.94
N SER A 61 4.89 -29.03 18.98
CA SER A 61 4.12 -30.14 19.52
C SER A 61 3.31 -30.89 18.48
N LYS A 62 2.68 -30.20 17.54
CA LYS A 62 1.76 -30.87 16.63
C LYS A 62 2.47 -31.38 15.38
N LYS A 63 1.81 -32.30 14.68
CA LYS A 63 2.31 -32.83 13.42
C LYS A 63 1.80 -32.05 12.21
N ASN A 64 0.63 -31.43 12.33
CA ASN A 64 0.08 -30.55 11.30
C ASN A 64 -0.27 -29.23 11.97
N PRO A 65 0.71 -28.35 12.14
CA PRO A 65 0.46 -27.10 12.87
C PRO A 65 -0.59 -26.24 12.19
N LYS A 66 -1.41 -25.58 13.01
CA LYS A 66 -2.45 -24.69 12.54
C LYS A 66 -2.38 -23.38 13.28
N LEU A 67 -2.57 -22.27 12.56
CA LEU A 67 -2.57 -20.96 13.19
C LEU A 67 -3.87 -20.70 13.94
N ILE A 68 -4.98 -21.25 13.46
CA ILE A 68 -6.26 -21.05 14.13
C ILE A 68 -6.26 -21.74 15.49
N ASN A 69 -5.58 -22.89 15.62
CA ASN A 69 -5.49 -23.56 16.91
C ASN A 69 -4.59 -22.81 17.89
N ALA A 70 -3.80 -21.85 17.43
CA ALA A 70 -3.05 -20.98 18.32
C ALA A 70 -3.78 -19.69 18.62
N LEU A 71 -4.58 -19.19 17.67
CA LEU A 71 -5.39 -18.01 17.93
C LEU A 71 -6.55 -18.31 18.86
N ARG A 72 -7.07 -19.55 18.82
CA ARG A 72 -8.20 -19.92 19.68
C ARG A 72 -7.80 -19.85 21.15
N ARG A 73 -6.67 -20.46 21.50
CA ARG A 73 -6.24 -20.55 22.89
C ARG A 73 -6.05 -19.17 23.52
N CYS A 74 -5.87 -18.13 22.70
CA CYS A 74 -5.83 -16.77 23.24
C CYS A 74 -7.21 -16.12 23.20
N PHE A 75 -7.75 -15.90 22.01
CA PHE A 75 -9.02 -15.19 21.86
C PHE A 75 -10.18 -16.15 21.61
N PHE A 76 -10.43 -17.06 22.56
CA PHE A 76 -11.65 -17.84 22.52
C PHE A 76 -12.70 -17.39 23.54
N TRP A 77 -12.32 -17.27 24.82
CA TRP A 77 -13.33 -17.11 25.87
C TRP A 77 -13.97 -15.72 25.84
N ARG A 78 -13.18 -14.67 25.58
CA ARG A 78 -13.77 -13.34 25.46
C ARG A 78 -14.69 -13.25 24.25
N PHE A 79 -14.31 -13.91 23.16
CA PHE A 79 -15.16 -13.98 21.98
C PHE A 79 -16.47 -14.68 22.30
N MET A 80 -16.42 -15.77 23.07
CA MET A 80 -17.64 -16.46 23.46
C MET A 80 -18.49 -15.64 24.41
N PHE A 81 -17.87 -14.89 25.33
CA PHE A 81 -18.62 -14.01 26.22
C PHE A 81 -19.41 -12.98 25.42
N TYR A 82 -18.75 -12.30 24.48
CA TYR A 82 -19.48 -11.35 23.66
C TYR A 82 -20.50 -12.02 22.75
N GLY A 83 -20.24 -13.27 22.34
CA GLY A 83 -21.27 -14.00 21.59
C GLY A 83 -22.51 -14.28 22.41
N ILE A 84 -22.32 -14.66 23.68
CA ILE A 84 -23.46 -14.88 24.57
C ILE A 84 -24.24 -13.59 24.78
N PHE A 85 -23.52 -12.48 24.97
CA PHE A 85 -24.20 -11.20 25.11
C PHE A 85 -24.99 -10.85 23.85
N LEU A 86 -24.41 -11.11 22.67
CA LEU A 86 -25.12 -10.86 21.42
C LEU A 86 -26.37 -11.71 21.31
N TYR A 87 -26.29 -12.99 21.69
CA TYR A 87 -27.46 -13.85 21.62
C TYR A 87 -28.55 -13.38 22.56
N LEU A 88 -28.17 -12.97 23.78
CA LEU A 88 -29.17 -12.46 24.72
C LEU A 88 -29.81 -11.18 24.20
N GLY A 89 -29.00 -10.31 23.58
CA GLY A 89 -29.56 -9.09 23.03
C GLY A 89 -30.41 -9.28 21.79
N GLU A 90 -30.20 -10.38 21.07
CA GLU A 90 -30.98 -10.65 19.87
C GLU A 90 -32.21 -11.52 20.14
N VAL A 91 -32.25 -12.24 21.26
CA VAL A 91 -33.46 -12.97 21.62
C VAL A 91 -34.61 -12.01 21.83
N THR A 92 -34.34 -10.84 22.38
CA THR A 92 -35.35 -9.80 22.62
C THR A 92 -35.84 -9.14 21.35
N LYS A 93 -35.43 -9.59 20.16
CA LYS A 93 -35.92 -9.03 18.92
C LYS A 93 -37.01 -9.88 18.26
N ALA A 94 -37.06 -11.16 18.59
CA ALA A 94 -38.09 -12.05 18.07
C ALA A 94 -39.35 -12.09 18.92
N VAL A 95 -39.34 -11.44 20.09
CA VAL A 95 -40.48 -11.44 21.00
C VAL A 95 -41.20 -10.09 21.01
N GLN A 96 -40.82 -9.17 20.11
CA GLN A 96 -41.42 -7.85 20.03
C GLN A 96 -42.76 -7.94 19.27
N PRO A 97 -42.81 -8.68 18.15
CA PRO A 97 -44.14 -8.95 17.56
C PRO A 97 -45.08 -9.66 18.50
N LEU A 98 -44.58 -10.51 19.41
CA LEU A 98 -45.46 -11.17 20.36
C LEU A 98 -46.15 -10.17 21.26
N LEU A 99 -45.42 -9.17 21.76
CA LEU A 99 -46.03 -8.14 22.58
C LEU A 99 -46.96 -7.24 21.78
N LEU A 100 -46.64 -6.95 20.52
CA LEU A 100 -47.59 -6.19 19.72
C LEU A 100 -48.87 -6.97 19.47
N GLY A 101 -48.76 -8.28 19.23
CA GLY A 101 -49.94 -9.10 19.00
C GLY A 101 -50.76 -9.32 20.26
N ARG A 102 -50.13 -9.29 21.43
CA ARG A 102 -50.85 -9.38 22.68
C ARG A 102 -51.28 -8.02 23.21
N ILE A 103 -50.91 -6.94 22.54
CA ILE A 103 -51.49 -5.62 22.80
C ILE A 103 -52.69 -5.34 21.88
N ILE A 104 -52.59 -5.74 20.62
CA ILE A 104 -53.68 -5.49 19.67
C ILE A 104 -54.94 -6.23 20.09
N ALA A 105 -54.78 -7.43 20.65
CA ALA A 105 -55.94 -8.19 21.11
C ALA A 105 -56.67 -7.50 22.26
N SER A 106 -56.02 -6.53 22.91
CA SER A 106 -56.64 -5.79 24.01
C SER A 106 -57.49 -4.62 23.52
N TYR A 107 -57.05 -3.94 22.47
CA TYR A 107 -57.80 -2.82 21.89
C TYR A 107 -58.77 -3.28 20.82
N ASP A 108 -59.14 -4.54 20.82
CA ASP A 108 -60.15 -5.15 19.96
C ASP A 108 -61.53 -4.78 20.51
N PRO A 109 -62.53 -4.57 19.65
CA PRO A 109 -63.79 -3.98 20.13
C PRO A 109 -64.47 -4.79 21.23
N ASP A 110 -65.19 -4.05 22.08
CA ASP A 110 -66.05 -4.55 23.15
C ASP A 110 -65.39 -5.65 23.98
N ASN A 111 -64.32 -5.24 24.66
CA ASN A 111 -63.81 -5.94 25.85
C ASN A 111 -63.42 -7.39 25.53
N LYS A 112 -62.35 -7.52 24.73
CA LYS A 112 -61.87 -8.84 24.37
C LYS A 112 -61.09 -9.46 25.52
N GLU A 113 -60.33 -10.54 25.23
CA GLU A 113 -59.77 -11.45 26.21
C GLU A 113 -59.29 -10.77 27.49
N GLU A 114 -58.35 -9.83 27.37
CA GLU A 114 -57.86 -9.07 28.51
C GLU A 114 -58.15 -7.60 28.29
N ARG A 115 -58.76 -6.96 29.29
CA ARG A 115 -59.20 -5.57 29.19
C ARG A 115 -58.30 -4.62 29.97
N SER A 116 -58.10 -4.86 31.26
CA SER A 116 -57.29 -3.98 32.11
C SER A 116 -55.83 -4.41 32.13
N ILE A 117 -55.26 -4.60 30.94
CA ILE A 117 -53.87 -5.07 30.82
C ILE A 117 -53.02 -4.17 29.94
N ALA A 118 -53.60 -3.38 29.02
CA ALA A 118 -52.80 -2.58 28.10
C ALA A 118 -51.87 -1.62 28.84
N ILE A 119 -52.23 -1.22 30.07
CA ILE A 119 -51.34 -0.38 30.86
C ILE A 119 -50.06 -1.15 31.21
N TYR A 120 -50.20 -2.43 31.55
CA TYR A 120 -49.03 -3.25 31.87
C TYR A 120 -48.10 -3.40 30.66
N LEU A 121 -48.68 -3.65 29.48
CA LEU A 121 -47.88 -4.01 28.32
C LEU A 121 -47.36 -2.81 27.54
N GLY A 122 -48.12 -1.72 27.47
CA GLY A 122 -47.68 -0.55 26.70
C GLY A 122 -46.42 0.09 27.22
N ILE A 123 -46.06 -0.18 28.47
CA ILE A 123 -44.83 0.33 29.06
C ILE A 123 -43.71 -0.70 28.98
N GLY A 124 -44.02 -1.97 29.29
CA GLY A 124 -43.01 -3.01 29.19
C GLY A 124 -42.50 -3.21 27.78
N LEU A 125 -43.37 -3.04 26.79
CA LEU A 125 -42.96 -3.14 25.39
C LEU A 125 -41.80 -2.21 25.08
N CYS A 126 -41.94 -0.93 25.43
CA CYS A 126 -40.88 0.04 25.12
C CYS A 126 -39.75 -0.02 26.13
N LEU A 127 -39.99 -0.56 27.33
CA LEU A 127 -38.90 -0.71 28.30
C LEU A 127 -37.97 -1.85 27.90
N LEU A 128 -38.49 -2.84 27.17
CA LEU A 128 -37.65 -3.91 26.66
C LEU A 128 -36.60 -3.37 25.69
N PHE A 129 -36.94 -2.27 24.99
CA PHE A 129 -35.99 -1.63 24.09
C PHE A 129 -34.75 -1.14 24.84
N ILE A 130 -34.93 -0.68 26.08
CA ILE A 130 -33.80 -0.22 26.88
C ILE A 130 -32.84 -1.38 27.16
N VAL A 131 -33.39 -2.54 27.53
CA VAL A 131 -32.55 -3.70 27.80
C VAL A 131 -31.83 -4.15 26.52
N ARG A 132 -32.53 -4.13 25.40
CA ARG A 132 -31.89 -4.48 24.13
C ARG A 132 -30.74 -3.53 23.82
N THR A 133 -30.95 -2.23 24.01
CA THR A 133 -29.91 -1.25 23.74
C THR A 133 -28.71 -1.46 24.64
N LEU A 134 -28.95 -1.73 25.93
CA LEU A 134 -27.85 -1.94 26.86
C LEU A 134 -27.07 -3.20 26.50
N LEU A 135 -27.76 -4.25 26.09
CA LEU A 135 -27.09 -5.52 25.82
C LEU A 135 -26.34 -5.53 24.50
N LEU A 136 -26.81 -4.79 23.49
CA LEU A 136 -26.25 -4.95 22.15
C LEU A 136 -24.86 -4.31 22.01
N HIS A 137 -24.77 -2.99 22.17
CA HIS A 137 -23.59 -2.26 21.74
C HIS A 137 -22.29 -2.66 22.44
N PRO A 138 -22.24 -2.86 23.77
CA PRO A 138 -20.97 -3.28 24.39
C PRO A 138 -20.40 -4.55 23.78
N ALA A 139 -21.25 -5.52 23.42
CA ALA A 139 -20.75 -6.74 22.80
C ALA A 139 -20.10 -6.43 21.45
N ILE A 140 -20.72 -5.55 20.66
CA ILE A 140 -20.14 -5.17 19.37
C ILE A 140 -18.79 -4.51 19.57
N PHE A 141 -18.69 -3.61 20.55
CA PHE A 141 -17.41 -2.95 20.82
C PHE A 141 -16.34 -3.95 21.24
N GLY A 142 -16.70 -4.89 22.11
CA GLY A 142 -15.74 -5.90 22.53
C GLY A 142 -15.27 -6.76 21.37
N LEU A 143 -16.20 -7.13 20.48
CA LEU A 143 -15.81 -7.94 19.32
C LEU A 143 -14.89 -7.16 18.39
N HIS A 144 -15.16 -5.87 18.19
CA HIS A 144 -14.27 -5.05 17.39
C HIS A 144 -12.87 -4.98 18.02
N HIS A 145 -12.82 -4.83 19.35
CA HIS A 145 -11.54 -4.79 20.04
C HIS A 145 -10.77 -6.11 19.84
N ILE A 146 -11.46 -7.24 19.98
CA ILE A 146 -10.81 -8.54 19.81
C ILE A 146 -10.27 -8.67 18.39
N GLY A 147 -11.06 -8.26 17.40
CA GLY A 147 -10.60 -8.33 16.03
C GLY A 147 -9.36 -7.49 15.78
N MET A 148 -9.35 -6.27 16.33
CA MET A 148 -8.17 -5.41 16.16
C MET A 148 -6.94 -6.03 16.82
N GLN A 149 -7.12 -6.61 18.01
CA GLN A 149 -5.99 -7.25 18.69
C GLN A 149 -5.44 -8.41 17.88
N MET A 150 -6.32 -9.26 17.34
CA MET A 150 -5.85 -10.34 16.49
C MET A 150 -5.10 -9.80 15.27
N ARG A 151 -5.61 -8.74 14.67
CA ARG A 151 -4.98 -8.15 13.49
C ARG A 151 -3.56 -7.68 13.80
N ILE A 152 -3.39 -6.95 14.90
CA ILE A 152 -2.05 -6.41 15.20
C ILE A 152 -1.11 -7.54 15.58
N ALA A 153 -1.59 -8.54 16.31
CA ALA A 153 -0.74 -9.68 16.66
C ALA A 153 -0.25 -10.40 15.40
N MET A 154 -1.15 -10.65 14.44
CA MET A 154 -0.75 -11.33 13.22
C MET A 154 0.21 -10.48 12.39
N PHE A 155 -0.01 -9.16 12.37
CA PHE A 155 0.92 -8.29 11.64
C PHE A 155 2.31 -8.34 12.24
N SER A 156 2.40 -8.31 13.57
CA SER A 156 3.72 -8.39 14.21
C SER A 156 4.38 -9.74 13.93
N LEU A 157 3.59 -10.82 13.95
CA LEU A 157 4.15 -12.13 13.59
C LEU A 157 4.69 -12.14 12.17
N ILE A 158 3.94 -11.52 11.24
CA ILE A 158 4.39 -11.48 9.84
C ILE A 158 5.70 -10.71 9.73
N TYR A 159 5.80 -9.57 10.42
CA TYR A 159 7.05 -8.81 10.34
C TYR A 159 8.22 -9.54 10.98
N LYS A 160 7.98 -10.24 12.09
CA LYS A 160 9.06 -11.01 12.69
C LYS A 160 9.51 -12.14 11.79
N LYS A 161 8.58 -12.73 11.03
CA LYS A 161 8.97 -13.78 10.10
C LYS A 161 9.69 -13.23 8.87
N THR A 162 9.31 -12.05 8.40
CA THR A 162 9.83 -11.57 7.12
C THR A 162 11.30 -11.18 7.16
N LEU A 163 11.92 -11.12 8.34
CA LEU A 163 13.34 -10.81 8.44
C LEU A 163 14.23 -12.04 8.38
N LYS A 164 13.65 -13.24 8.38
CA LYS A 164 14.42 -14.48 8.32
C LYS A 164 14.27 -15.19 6.97
N LEU A 165 13.62 -14.55 6.00
CA LEU A 165 13.45 -15.17 4.69
C LEU A 165 14.79 -15.30 3.97
N SER A 166 14.97 -16.43 3.28
CA SER A 166 16.20 -16.69 2.56
C SER A 166 16.25 -15.89 1.26
N SER A 167 17.45 -15.86 0.66
CA SER A 167 17.58 -15.21 -0.64
C SER A 167 16.84 -15.98 -1.73
N ARG A 168 16.74 -17.30 -1.59
CA ARG A 168 15.99 -18.10 -2.56
C ARG A 168 14.51 -17.76 -2.54
N VAL A 169 13.95 -17.56 -1.34
CA VAL A 169 12.52 -17.28 -1.22
C VAL A 169 12.17 -15.88 -1.69
N LEU A 170 13.13 -14.95 -1.70
CA LEU A 170 12.86 -13.60 -2.14
C LEU A 170 12.64 -13.49 -3.64
N ASP A 171 12.91 -14.54 -4.40
CA ASP A 171 12.68 -14.52 -5.85
C ASP A 171 11.19 -14.37 -6.16
N LYS A 172 10.34 -15.10 -5.44
CA LYS A 172 8.90 -15.08 -5.68
C LYS A 172 8.18 -14.00 -4.91
N ILE A 173 8.87 -13.25 -4.06
CA ILE A 173 8.25 -12.24 -3.21
C ILE A 173 8.50 -10.86 -3.81
N SER A 174 7.42 -10.10 -3.97
CA SER A 174 7.48 -8.76 -4.52
C SER A 174 6.95 -7.75 -3.51
N ILE A 175 7.32 -6.48 -3.70
CA ILE A 175 6.96 -5.43 -2.76
C ILE A 175 5.49 -5.05 -2.93
N GLY A 176 4.80 -5.72 -3.85
CA GLY A 176 3.39 -5.47 -4.05
C GLY A 176 2.50 -6.54 -3.44
N GLN A 177 2.98 -7.78 -3.41
CA GLN A 177 2.19 -8.87 -2.85
C GLN A 177 1.93 -8.66 -1.35
N LEU A 178 2.98 -8.31 -0.61
CA LEU A 178 2.81 -8.05 0.83
C LEU A 178 1.92 -6.84 1.07
N VAL A 179 2.09 -5.79 0.27
CA VAL A 179 1.25 -4.60 0.42
C VAL A 179 -0.22 -4.93 0.17
N SER A 180 -0.49 -5.73 -0.87
CA SER A 180 -1.86 -6.15 -1.13
C SER A 180 -2.41 -7.01 0.00
N LEU A 181 -1.58 -7.92 0.53
CA LEU A 181 -2.02 -8.78 1.63
C LEU A 181 -2.40 -7.94 2.85
N LEU A 182 -1.59 -6.94 3.17
CA LEU A 182 -1.92 -6.04 4.29
C LEU A 182 -3.16 -5.21 3.99
N SER A 183 -3.28 -4.70 2.76
CA SER A 183 -4.37 -3.80 2.44
C SER A 183 -5.71 -4.52 2.42
N ASN A 184 -5.71 -5.82 2.08
CA ASN A 184 -6.95 -6.57 2.09
C ASN A 184 -7.56 -6.65 3.49
N ASN A 185 -6.88 -7.32 4.42
CA ASN A 185 -7.34 -7.39 5.80
C ASN A 185 -6.66 -6.37 6.70
N LEU A 186 -6.60 -5.11 6.25
CA LEU A 186 -6.20 -4.02 7.15
C LEU A 186 -7.37 -3.50 7.98
N ASN A 187 -8.57 -3.47 7.42
CA ASN A 187 -9.73 -2.97 8.15
C ASN A 187 -10.98 -3.83 8.03
N LYS A 188 -11.02 -4.78 7.10
CA LYS A 188 -12.18 -5.65 6.95
C LYS A 188 -12.07 -6.92 7.78
N PHE A 189 -11.00 -7.06 8.58
CA PHE A 189 -10.86 -8.20 9.47
C PHE A 189 -11.49 -7.93 10.83
N ASP A 190 -11.17 -6.79 11.44
CA ASP A 190 -11.68 -6.47 12.77
C ASP A 190 -13.15 -6.07 12.75
N GLU A 191 -13.66 -5.62 11.61
CA GLU A 191 -15.07 -5.26 11.52
C GLU A 191 -15.96 -6.50 11.42
N GLY A 192 -15.46 -7.58 10.83
CA GLY A 192 -16.23 -8.78 10.64
C GLY A 192 -16.34 -9.70 11.84
N LEU A 193 -15.66 -9.39 12.93
CA LEU A 193 -15.76 -10.25 14.12
C LEU A 193 -17.17 -10.22 14.70
N ALA A 194 -17.84 -9.08 14.65
CA ALA A 194 -19.22 -9.00 15.15
C ALA A 194 -20.15 -9.89 14.34
N LEU A 195 -20.00 -9.88 13.01
CA LEU A 195 -20.84 -10.69 12.13
C LEU A 195 -20.52 -12.17 12.19
N ALA A 196 -19.39 -12.55 12.79
CA ALA A 196 -18.99 -13.96 12.78
C ALA A 196 -19.83 -14.81 13.71
N HIS A 197 -20.54 -14.19 14.65
CA HIS A 197 -21.31 -14.94 15.65
C HIS A 197 -22.71 -15.30 15.18
N PHE A 198 -23.11 -14.86 13.99
CA PHE A 198 -24.44 -15.13 13.45
C PHE A 198 -24.50 -16.46 12.71
N VAL A 199 -23.54 -17.36 12.93
CA VAL A 199 -23.61 -18.69 12.36
C VAL A 199 -24.35 -19.66 13.28
N TRP A 200 -24.45 -19.36 14.57
CA TRP A 200 -25.22 -20.17 15.50
C TRP A 200 -26.36 -19.40 16.16
N ILE A 201 -26.52 -18.11 15.86
CA ILE A 201 -27.66 -17.36 16.35
C ILE A 201 -28.83 -17.43 15.37
N ALA A 202 -28.54 -17.34 14.07
CA ALA A 202 -29.60 -17.40 13.07
C ALA A 202 -30.39 -18.70 13.12
N PRO A 203 -29.79 -19.89 13.20
CA PRO A 203 -30.63 -21.10 13.32
C PRO A 203 -31.51 -21.12 14.56
N LEU A 204 -30.99 -20.69 15.71
CA LEU A 204 -31.80 -20.65 16.91
C LEU A 204 -32.94 -19.64 16.78
N GLN A 205 -32.66 -18.49 16.17
CA GLN A 205 -33.70 -17.50 15.95
C GLN A 205 -34.78 -18.03 15.02
N VAL A 206 -34.38 -18.76 13.96
CA VAL A 206 -35.35 -19.35 13.05
C VAL A 206 -36.21 -20.37 13.78
N ALA A 207 -35.60 -21.20 14.62
CA ALA A 207 -36.36 -22.20 15.37
C ALA A 207 -37.38 -21.52 16.30
N LEU A 208 -36.93 -20.50 17.02
CA LEU A 208 -37.83 -19.79 17.93
C LEU A 208 -38.98 -19.12 17.18
N LEU A 209 -38.66 -18.48 16.05
CA LEU A 209 -39.69 -17.80 15.28
C LEU A 209 -40.69 -18.79 14.68
N MET A 210 -40.21 -19.95 14.23
CA MET A 210 -41.12 -20.97 13.72
C MET A 210 -42.03 -21.49 14.83
N GLY A 211 -41.47 -21.72 16.02
CA GLY A 211 -42.29 -22.14 17.13
C GLY A 211 -43.34 -21.11 17.49
N LEU A 212 -42.98 -19.82 17.43
CA LEU A 212 -43.94 -18.77 17.74
C LEU A 212 -45.03 -18.68 16.68
N ILE A 213 -44.66 -18.76 15.40
CA ILE A 213 -45.64 -18.65 14.33
C ILE A 213 -46.58 -19.83 14.33
N TRP A 214 -46.08 -21.03 14.68
CA TRP A 214 -46.93 -22.22 14.68
C TRP A 214 -48.14 -22.05 15.59
N GLU A 215 -48.03 -21.21 16.62
CA GLU A 215 -49.19 -20.93 17.46
C GLU A 215 -50.23 -20.09 16.75
N LEU A 216 -49.84 -19.37 15.70
CA LEU A 216 -50.78 -18.59 14.89
C LEU A 216 -51.34 -19.42 13.74
N LEU A 217 -50.45 -19.93 12.89
CA LEU A 217 -50.83 -20.82 11.79
C LEU A 217 -50.49 -22.25 12.20
N GLN A 218 -51.51 -23.10 12.22
CA GLN A 218 -51.35 -24.44 12.79
C GLN A 218 -50.33 -25.26 12.03
N ALA A 219 -50.43 -25.27 10.70
CA ALA A 219 -49.50 -26.03 9.88
C ALA A 219 -49.09 -25.32 8.60
N SER A 220 -49.55 -24.08 8.39
CA SER A 220 -49.17 -23.31 7.22
C SER A 220 -47.91 -22.49 7.42
N ALA A 221 -47.26 -22.63 8.57
CA ALA A 221 -46.03 -21.90 8.88
C ALA A 221 -44.80 -22.50 8.23
N PHE A 222 -44.94 -23.62 7.53
CA PHE A 222 -43.79 -24.31 6.95
C PHE A 222 -43.61 -24.06 5.47
N CYS A 223 -44.65 -23.62 4.75
CA CYS A 223 -44.47 -23.27 3.34
C CYS A 223 -43.54 -22.07 3.19
N GLY A 224 -43.72 -21.05 4.03
CA GLY A 224 -42.81 -19.92 4.01
C GLY A 224 -41.40 -20.32 4.39
N LEU A 225 -41.26 -21.26 5.34
CA LEU A 225 -39.94 -21.75 5.70
C LEU A 225 -39.29 -22.47 4.53
N GLY A 226 -40.07 -23.26 3.78
CA GLY A 226 -39.53 -23.91 2.59
C GLY A 226 -39.07 -22.92 1.54
N PHE A 227 -39.87 -21.87 1.31
CA PHE A 227 -39.46 -20.86 0.34
C PHE A 227 -38.19 -20.14 0.81
N LEU A 228 -38.09 -19.84 2.10
CA LEU A 228 -36.89 -19.19 2.61
C LEU A 228 -35.68 -20.11 2.55
N ILE A 229 -35.88 -21.41 2.72
CA ILE A 229 -34.77 -22.37 2.57
C ILE A 229 -34.30 -22.41 1.13
N VAL A 230 -35.24 -22.39 0.18
CA VAL A 230 -34.86 -22.32 -1.23
C VAL A 230 -34.05 -21.05 -1.51
N LEU A 231 -34.50 -19.92 -0.94
CA LEU A 231 -33.78 -18.67 -1.14
C LEU A 231 -32.38 -18.73 -0.52
N ALA A 232 -32.25 -19.34 0.65
CA ALA A 232 -30.94 -19.48 1.28
C ALA A 232 -30.02 -20.36 0.45
N LEU A 233 -30.58 -21.42 -0.14
CA LEU A 233 -29.80 -22.25 -1.07
C LEU A 233 -29.32 -21.44 -2.26
N PHE A 234 -30.20 -20.59 -2.81
CA PHE A 234 -29.81 -19.75 -3.94
C PHE A 234 -28.70 -18.78 -3.54
N GLN A 235 -28.79 -18.19 -2.35
CA GLN A 235 -27.75 -17.28 -1.88
C GLN A 235 -26.42 -17.99 -1.65
N ALA A 236 -26.48 -19.20 -1.06
CA ALA A 236 -25.25 -19.96 -0.85
C ALA A 236 -24.63 -20.41 -2.16
N GLY A 237 -25.45 -20.61 -3.20
CA GLY A 237 -24.90 -20.87 -4.52
C GLY A 237 -24.32 -19.64 -5.17
N LEU A 238 -24.88 -18.46 -4.88
CA LEU A 238 -24.31 -17.22 -5.37
C LEU A 238 -22.97 -16.91 -4.71
N GLY A 239 -22.81 -17.26 -3.44
CA GLY A 239 -21.57 -16.94 -2.74
C GLY A 239 -20.35 -17.61 -3.37
N ARG A 240 -20.47 -18.90 -3.68
CA ARG A 240 -19.35 -19.62 -4.29
C ARG A 240 -19.02 -19.09 -5.67
N MET A 241 -20.03 -18.63 -6.42
CA MET A 241 -19.75 -18.01 -7.71
C MET A 241 -19.05 -16.67 -7.54
N MET A 242 -19.41 -15.92 -6.50
CA MET A 242 -18.73 -14.67 -6.22
C MET A 242 -17.27 -14.91 -5.83
N MET A 243 -17.00 -16.01 -5.12
CA MET A 243 -15.63 -16.29 -4.69
C MET A 243 -14.70 -16.53 -5.87
N LYS A 244 -15.19 -17.19 -6.91
CA LYS A 244 -14.35 -17.48 -8.07
C LYS A 244 -13.85 -16.20 -8.75
N TYR A 245 -14.64 -15.14 -8.71
CA TYR A 245 -14.25 -13.87 -9.29
C TYR A 245 -13.46 -12.99 -8.34
N ARG A 246 -13.12 -13.49 -7.16
CA ARG A 246 -12.29 -12.77 -6.20
C ARG A 246 -10.90 -13.35 -6.05
N ASP A 247 -10.72 -14.65 -6.31
CA ASP A 247 -9.41 -15.28 -6.20
C ASP A 247 -8.57 -15.12 -7.46
N GLN A 248 -9.13 -14.58 -8.54
CA GLN A 248 -8.37 -14.35 -9.76
C GLN A 248 -7.91 -12.91 -9.91
N ARG A 249 -8.55 -11.97 -9.21
CA ARG A 249 -8.19 -10.56 -9.30
C ARG A 249 -6.93 -10.22 -8.51
N ALA A 250 -6.56 -11.05 -7.54
CA ALA A 250 -5.46 -10.72 -6.65
C ALA A 250 -4.13 -10.65 -7.39
N GLY A 251 -3.88 -11.58 -8.31
CA GLY A 251 -2.62 -11.56 -9.05
C GLY A 251 -2.48 -10.32 -9.91
N LYS A 252 -3.55 -9.94 -10.61
CA LYS A 252 -3.52 -8.74 -11.43
C LYS A 252 -3.35 -7.50 -10.57
N ILE A 253 -4.00 -7.45 -9.41
CA ILE A 253 -3.84 -6.32 -8.52
C ILE A 253 -2.38 -6.20 -8.06
N SER A 254 -1.77 -7.33 -7.69
CA SER A 254 -0.37 -7.31 -7.27
C SER A 254 0.54 -6.86 -8.40
N GLU A 255 0.31 -7.37 -9.61
CA GLU A 255 1.14 -6.98 -10.75
C GLU A 255 1.06 -5.48 -11.01
N ARG A 256 -0.16 -4.94 -11.02
CA ARG A 256 -0.35 -3.52 -11.24
C ARG A 256 0.31 -2.72 -10.11
N LEU A 257 0.23 -3.21 -8.87
CA LEU A 257 0.86 -2.51 -7.76
C LEU A 257 2.36 -2.44 -7.93
N VAL A 258 3.01 -3.56 -8.27
CA VAL A 258 4.46 -3.53 -8.40
C VAL A 258 4.89 -2.65 -9.57
N ILE A 259 4.14 -2.67 -10.68
CA ILE A 259 4.52 -1.83 -11.81
C ILE A 259 4.36 -0.35 -11.46
N THR A 260 3.23 0.00 -10.82
CA THR A 260 3.01 1.39 -10.44
C THR A 260 4.07 1.88 -9.45
N SER A 261 4.42 1.05 -8.47
CA SER A 261 5.44 1.44 -7.50
C SER A 261 6.80 1.60 -8.17
N GLU A 262 7.16 0.69 -9.07
CA GLU A 262 8.44 0.81 -9.76
C GLU A 262 8.50 2.06 -10.60
N MET A 263 7.38 2.46 -11.20
CA MET A 263 7.36 3.68 -11.99
C MET A 263 7.44 4.93 -11.10
N ILE A 264 6.69 4.94 -10.00
CA ILE A 264 6.63 6.13 -9.16
C ILE A 264 7.90 6.32 -8.34
N GLU A 265 8.63 5.25 -8.05
CA GLU A 265 9.88 5.39 -7.30
C GLU A 265 10.90 6.23 -8.06
N ASN A 266 11.01 6.01 -9.38
CA ASN A 266 12.00 6.71 -10.20
C ASN A 266 11.35 7.36 -11.41
N ILE A 267 10.20 8.00 -11.21
CA ILE A 267 9.54 8.83 -12.21
C ILE A 267 10.49 9.85 -12.86
N GLN A 268 11.62 10.14 -12.20
CA GLN A 268 12.60 11.05 -12.79
C GLN A 268 13.10 10.54 -14.14
N SER A 269 13.55 9.28 -14.18
CA SER A 269 14.03 8.71 -15.43
C SER A 269 12.91 8.53 -16.44
N VAL A 270 11.70 8.24 -15.98
CA VAL A 270 10.56 8.14 -16.88
C VAL A 270 10.33 9.47 -17.59
N LYS A 271 10.35 10.56 -16.82
CA LYS A 271 10.19 11.89 -17.40
C LYS A 271 11.32 12.22 -18.36
N ALA A 272 12.55 11.86 -17.99
CA ALA A 272 13.70 12.14 -18.86
C ALA A 272 13.59 11.40 -20.18
N TYR A 273 13.15 10.14 -20.13
CA TYR A 273 13.02 9.32 -21.34
C TYR A 273 11.75 9.60 -22.13
N CYS A 274 10.80 10.32 -21.54
CA CYS A 274 9.50 10.59 -22.16
C CYS A 274 8.73 9.29 -22.41
N TRP A 275 8.61 8.49 -21.34
CA TRP A 275 7.93 7.20 -21.39
C TRP A 275 6.53 7.25 -20.79
N GLU A 276 6.04 8.43 -20.42
CA GLU A 276 4.77 8.54 -19.71
C GLU A 276 3.61 8.03 -20.55
N GLU A 277 3.57 8.40 -21.84
CA GLU A 277 2.50 7.97 -22.72
C GLU A 277 2.50 6.45 -22.89
N ALA A 278 3.68 5.85 -23.03
CA ALA A 278 3.78 4.42 -23.21
C ALA A 278 3.68 3.65 -21.89
N MET A 279 3.70 4.33 -20.76
CA MET A 279 3.62 3.67 -19.47
C MET A 279 2.28 3.82 -18.79
N GLU A 280 1.44 4.76 -19.23
CA GLU A 280 0.05 4.76 -18.76
C GLU A 280 -0.78 3.68 -19.45
N LYS A 281 -0.48 3.39 -20.71
CA LYS A 281 -1.20 2.33 -21.42
C LYS A 281 -0.89 0.96 -20.85
N MET A 282 0.35 0.74 -20.40
CA MET A 282 0.71 -0.53 -19.79
C MET A 282 -0.09 -0.79 -18.53
N ILE A 283 -0.45 0.26 -17.79
CA ILE A 283 -1.27 0.09 -16.59
C ILE A 283 -2.74 -0.04 -16.98
N GLU A 284 -3.20 0.70 -17.99
CA GLU A 284 -4.59 0.61 -18.42
C GLU A 284 -4.93 -0.79 -18.93
N ASN A 285 -4.01 -1.41 -19.67
CA ASN A 285 -4.25 -2.76 -20.16
C ASN A 285 -4.42 -3.74 -19.00
N LEU A 286 -3.61 -3.59 -17.95
CA LEU A 286 -3.77 -4.43 -16.77
C LEU A 286 -5.08 -4.14 -16.06
N ARG A 287 -5.48 -2.87 -16.00
CA ARG A 287 -6.71 -2.51 -15.30
C ARG A 287 -7.95 -3.03 -16.02
N GLN A 288 -7.87 -3.26 -17.33
CA GLN A 288 -9.04 -3.73 -18.06
C GLN A 288 -9.56 -5.06 -17.52
N THR A 289 -8.66 -6.02 -17.31
CA THR A 289 -9.08 -7.34 -16.83
C THR A 289 -9.59 -7.27 -15.39
N GLU A 290 -8.93 -6.47 -14.55
CA GLU A 290 -9.43 -6.28 -13.20
C GLU A 290 -10.84 -5.71 -13.20
N LEU A 291 -11.09 -4.73 -14.08
CA LEU A 291 -12.43 -4.16 -14.18
C LEU A 291 -13.44 -5.19 -14.67
N LYS A 292 -13.04 -6.04 -15.62
CA LYS A 292 -13.95 -7.07 -16.08
C LYS A 292 -14.34 -8.01 -14.96
N LEU A 293 -13.35 -8.46 -14.17
CA LEU A 293 -13.64 -9.35 -13.05
C LEU A 293 -14.49 -8.66 -12.00
N THR A 294 -14.19 -7.39 -11.69
CA THR A 294 -14.97 -6.66 -10.69
C THR A 294 -16.41 -6.47 -11.15
N ARG A 295 -16.61 -6.18 -12.44
CA ARG A 295 -17.96 -6.02 -12.96
C ARG A 295 -18.72 -7.33 -12.97
N LYS A 296 -18.03 -8.45 -13.21
CA LYS A 296 -18.70 -9.74 -13.13
C LYS A 296 -19.03 -10.11 -11.69
N ALA A 297 -18.22 -9.68 -10.74
CA ALA A 297 -18.45 -10.00 -9.32
C ALA A 297 -19.37 -9.02 -8.63
N ALA A 298 -19.67 -7.87 -9.24
CA ALA A 298 -20.54 -6.88 -8.64
C ALA A 298 -22.01 -7.08 -8.99
N TYR A 299 -22.33 -8.05 -9.85
CA TYR A 299 -23.71 -8.39 -10.13
C TYR A 299 -24.21 -9.51 -9.22
N VAL A 300 -23.37 -10.52 -9.00
CA VAL A 300 -23.72 -11.61 -8.10
C VAL A 300 -23.89 -11.07 -6.68
N ARG A 301 -23.02 -10.15 -6.27
CA ARG A 301 -23.14 -9.57 -4.94
C ARG A 301 -24.42 -8.74 -4.82
N TYR A 302 -24.79 -8.02 -5.88
CA TYR A 302 -26.06 -7.29 -5.85
C TYR A 302 -27.24 -8.23 -5.73
N PHE A 303 -27.23 -9.32 -6.51
CA PHE A 303 -28.32 -10.29 -6.44
C PHE A 303 -28.42 -10.91 -5.05
N ASN A 304 -27.28 -11.18 -4.43
CA ASN A 304 -27.27 -11.68 -3.06
C ASN A 304 -27.84 -10.63 -2.09
N SER A 305 -27.46 -9.37 -2.27
CA SER A 305 -27.87 -8.30 -1.36
C SER A 305 -29.31 -7.84 -1.58
N SER A 306 -29.94 -8.22 -2.68
CA SER A 306 -31.30 -7.78 -2.98
C SER A 306 -32.32 -8.91 -2.83
N ALA A 307 -31.99 -9.96 -2.11
CA ALA A 307 -32.94 -11.03 -1.83
C ALA A 307 -33.74 -10.80 -0.56
N PHE A 308 -33.46 -9.72 0.17
CA PHE A 308 -34.24 -9.36 1.34
C PHE A 308 -35.38 -8.43 1.00
N PHE A 309 -35.14 -7.45 0.12
CA PHE A 309 -36.18 -6.52 -0.29
C PHE A 309 -37.16 -7.15 -1.27
N PHE A 310 -36.81 -8.26 -1.90
CA PHE A 310 -37.68 -8.96 -2.84
C PHE A 310 -38.15 -10.30 -2.30
N SER A 311 -38.42 -10.36 -1.00
CA SER A 311 -38.96 -11.57 -0.39
C SER A 311 -40.04 -11.29 0.63
N GLY A 312 -40.44 -10.04 0.83
CA GLY A 312 -41.47 -9.69 1.79
C GLY A 312 -42.89 -9.90 1.34
N PHE A 313 -43.09 -10.29 0.08
CA PHE A 313 -44.41 -10.58 -0.45
C PHE A 313 -44.67 -12.09 -0.55
N PHE A 314 -43.73 -12.84 -1.14
CA PHE A 314 -43.93 -14.26 -1.35
C PHE A 314 -44.02 -15.01 -0.02
N VAL A 315 -43.18 -14.65 0.95
CA VAL A 315 -43.21 -15.33 2.24
C VAL A 315 -44.57 -15.16 2.91
N VAL A 316 -45.07 -13.92 2.93
CA VAL A 316 -46.36 -13.66 3.55
C VAL A 316 -47.48 -14.37 2.78
N PHE A 317 -47.43 -14.32 1.45
CA PHE A 317 -48.44 -14.99 0.64
C PHE A 317 -48.48 -16.48 0.94
N LEU A 318 -47.33 -17.14 0.92
CA LEU A 318 -47.27 -18.57 1.18
C LEU A 318 -47.64 -18.91 2.61
N SER A 319 -47.41 -17.98 3.54
CA SER A 319 -47.76 -18.24 4.94
C SER A 319 -49.26 -18.12 5.18
N VAL A 320 -49.91 -17.16 4.54
CA VAL A 320 -51.30 -16.82 4.86
C VAL A 320 -52.29 -17.55 3.96
N LEU A 321 -52.03 -17.63 2.65
CA LEU A 321 -53.03 -18.15 1.73
C LEU A 321 -53.47 -19.58 2.02
N PRO A 322 -52.59 -20.56 2.25
CA PRO A 322 -53.08 -21.91 2.58
C PRO A 322 -53.95 -21.95 3.83
N TYR A 323 -53.64 -21.13 4.84
CA TYR A 323 -54.45 -21.09 6.04
C TYR A 323 -55.76 -20.35 5.80
N ALA A 324 -55.71 -19.26 5.03
CA ALA A 324 -56.92 -18.51 4.70
C ALA A 324 -57.87 -19.32 3.83
N LEU A 325 -57.36 -20.28 3.06
CA LEU A 325 -58.24 -21.13 2.26
C LEU A 325 -59.14 -21.98 3.14
N ILE A 326 -58.61 -22.50 4.25
CA ILE A 326 -59.38 -23.42 5.07
C ILE A 326 -60.12 -22.70 6.21
N LYS A 327 -59.62 -21.56 6.68
CA LYS A 327 -60.28 -20.89 7.79
C LYS A 327 -60.33 -19.37 7.65
N GLY A 328 -59.89 -18.81 6.53
CA GLY A 328 -59.84 -17.37 6.46
C GLY A 328 -58.72 -16.82 7.33
N ILE A 329 -58.88 -15.57 7.76
CA ILE A 329 -57.86 -14.90 8.56
C ILE A 329 -58.51 -13.72 9.28
N ILE A 330 -57.88 -13.28 10.36
CA ILE A 330 -58.33 -12.13 11.13
C ILE A 330 -57.32 -11.01 10.95
N LEU A 331 -57.82 -9.77 10.88
CA LEU A 331 -56.97 -8.60 10.71
C LEU A 331 -56.08 -8.33 11.91
N ARG A 332 -56.17 -9.14 12.96
CA ARG A 332 -55.24 -9.07 14.08
C ARG A 332 -54.07 -10.02 13.90
N LYS A 333 -54.34 -11.24 13.46
CA LYS A 333 -53.29 -12.23 13.22
C LYS A 333 -52.52 -11.95 11.93
N ILE A 334 -53.17 -11.35 10.93
CA ILE A 334 -52.51 -11.11 9.65
C ILE A 334 -51.39 -10.08 9.79
N PHE A 335 -51.37 -9.32 10.88
CA PHE A 335 -50.30 -8.35 11.12
C PHE A 335 -49.21 -8.89 12.03
N THR A 336 -49.56 -9.70 13.02
CA THR A 336 -48.53 -10.41 13.78
C THR A 336 -47.74 -11.34 12.88
N THR A 337 -48.40 -11.94 11.88
CA THR A 337 -47.68 -12.79 10.93
C THR A 337 -46.63 -11.99 10.17
N ILE A 338 -46.98 -10.77 9.73
CA ILE A 338 -46.02 -9.95 9.01
C ILE A 338 -44.90 -9.50 9.93
N SER A 339 -45.23 -9.13 11.17
CA SER A 339 -44.21 -8.70 12.12
C SER A 339 -43.23 -9.82 12.44
N PHE A 340 -43.71 -11.07 12.47
CA PHE A 340 -42.80 -12.20 12.63
C PHE A 340 -41.98 -12.44 11.36
N CYS A 341 -42.64 -12.37 10.21
CA CYS A 341 -41.98 -12.70 8.95
C CYS A 341 -40.88 -11.71 8.61
N ILE A 342 -40.99 -10.45 9.04
CA ILE A 342 -39.92 -9.50 8.78
C ILE A 342 -38.63 -9.93 9.47
N VAL A 343 -38.73 -10.29 10.75
CA VAL A 343 -37.56 -10.76 11.49
C VAL A 343 -37.04 -12.06 10.91
N LEU A 344 -37.96 -12.96 10.51
CA LEU A 344 -37.53 -14.22 9.92
C LEU A 344 -36.77 -14.00 8.62
N ARG A 345 -37.29 -13.12 7.76
CA ARG A 345 -36.62 -12.83 6.50
C ARG A 345 -35.25 -12.23 6.74
N MET A 346 -35.15 -11.28 7.68
CA MET A 346 -33.84 -10.70 7.95
C MET A 346 -32.86 -11.75 8.45
N ALA A 347 -33.28 -12.59 9.40
CA ALA A 347 -32.38 -13.56 10.00
C ALA A 347 -32.01 -14.69 9.05
N VAL A 348 -32.80 -14.95 8.03
CA VAL A 348 -32.49 -16.00 7.06
C VAL A 348 -31.70 -15.47 5.88
N THR A 349 -32.08 -14.31 5.32
CA THR A 349 -31.53 -13.84 4.06
C THR A 349 -30.49 -12.74 4.20
N ARG A 350 -30.24 -12.23 5.40
CA ARG A 350 -29.29 -11.12 5.52
C ARG A 350 -28.22 -11.40 6.56
N GLN A 351 -28.57 -12.14 7.61
CA GLN A 351 -27.65 -12.36 8.72
C GLN A 351 -26.87 -13.66 8.61
N PHE A 352 -27.42 -14.69 8.00
CA PHE A 352 -26.75 -15.98 7.88
C PHE A 352 -25.69 -15.97 6.78
N PRO A 353 -26.02 -15.60 5.53
CA PRO A 353 -24.98 -15.61 4.49
C PRO A 353 -23.83 -14.66 4.78
N TRP A 354 -24.09 -13.53 5.43
CA TRP A 354 -23.02 -12.63 5.81
C TRP A 354 -22.06 -13.29 6.79
N ALA A 355 -22.61 -14.00 7.78
CA ALA A 355 -21.76 -14.71 8.73
C ALA A 355 -20.96 -15.81 8.05
N VAL A 356 -21.58 -16.54 7.12
CA VAL A 356 -20.88 -17.61 6.43
C VAL A 356 -19.72 -17.04 5.61
N GLN A 357 -19.98 -15.95 4.88
CA GLN A 357 -18.94 -15.31 4.09
C GLN A 357 -17.81 -14.78 4.95
N THR A 358 -18.16 -14.18 6.10
CA THR A 358 -17.13 -13.68 7.00
C THR A 358 -16.25 -14.81 7.53
N TRP A 359 -16.87 -15.92 7.91
CA TRP A 359 -16.08 -17.08 8.37
C TRP A 359 -15.16 -17.58 7.27
N TYR A 360 -15.67 -17.67 6.05
CA TYR A 360 -14.86 -18.13 4.92
C TYR A 360 -13.66 -17.21 4.72
N ASP A 361 -13.89 -15.90 4.67
CA ASP A 361 -12.81 -14.96 4.42
C ASP A 361 -11.78 -14.97 5.55
N SER A 362 -12.25 -15.03 6.80
CA SER A 362 -11.33 -15.04 7.93
C SER A 362 -10.45 -16.28 7.91
N LEU A 363 -11.05 -17.45 7.67
CA LEU A 363 -10.26 -18.67 7.60
C LEU A 363 -9.28 -18.64 6.44
N GLY A 364 -9.71 -18.10 5.30
CA GLY A 364 -8.80 -18.00 4.16
C GLY A 364 -7.62 -17.10 4.44
N ALA A 365 -7.86 -15.94 5.05
CA ALA A 365 -6.76 -15.04 5.39
C ALA A 365 -5.82 -15.65 6.40
N ILE A 366 -6.36 -16.35 7.41
CA ILE A 366 -5.51 -16.99 8.40
C ILE A 366 -4.64 -18.07 7.77
N ASN A 367 -5.23 -18.87 6.87
CA ASN A 367 -4.46 -19.92 6.21
C ASN A 367 -3.39 -19.32 5.30
N LYS A 368 -3.70 -18.23 4.60
CA LYS A 368 -2.70 -17.57 3.77
C LYS A 368 -1.53 -17.06 4.62
N ILE A 369 -1.84 -16.46 5.78
CA ILE A 369 -0.79 -15.96 6.65
C ILE A 369 0.05 -17.11 7.20
N GLN A 370 -0.59 -18.23 7.53
CA GLN A 370 0.17 -19.39 7.99
C GLN A 370 1.09 -19.92 6.90
N ASP A 371 0.60 -19.97 5.66
CA ASP A 371 1.45 -20.42 4.56
C ASP A 371 2.64 -19.48 4.37
N PHE A 372 2.42 -18.17 4.53
CA PHE A 372 3.55 -17.24 4.51
C PHE A 372 4.52 -17.53 5.65
N LEU A 373 3.99 -17.84 6.83
CA LEU A 373 4.84 -18.10 7.99
C LEU A 373 5.68 -19.36 7.82
N GLN A 374 5.16 -20.36 7.10
CA GLN A 374 5.85 -21.63 6.93
C GLN A 374 6.60 -21.63 5.59
N LYS A 375 7.72 -20.92 5.56
CA LYS A 375 8.58 -20.87 4.39
C LYS A 375 10.02 -21.17 4.81
N GLN A 376 10.89 -21.28 3.81
CA GLN A 376 12.29 -21.56 4.07
C GLN A 376 12.95 -20.38 4.78
N GLU A 377 13.85 -20.71 5.70
CA GLU A 377 14.53 -19.71 6.53
C GLU A 377 16.02 -19.66 6.19
N TYR A 378 16.70 -18.70 6.80
CA TYR A 378 18.11 -18.43 6.53
C TYR A 378 18.93 -18.86 7.73
N LYS A 379 19.95 -19.68 7.49
CA LYS A 379 20.78 -20.25 8.53
C LYS A 379 22.15 -19.60 8.53
N THR A 380 22.80 -19.60 9.70
CA THR A 380 24.14 -19.03 9.83
C THR A 380 25.17 -20.10 10.17
N LEU A 381 24.99 -20.84 11.27
CA LEU A 381 25.73 -22.04 11.64
C LEU A 381 27.22 -21.80 11.91
N GLU A 382 27.70 -20.56 11.80
CA GLU A 382 29.13 -20.32 11.90
C GLU A 382 29.63 -20.54 13.33
N TYR A 383 30.94 -20.67 13.46
CA TYR A 383 31.59 -20.85 14.75
C TYR A 383 32.15 -19.52 15.24
N ASN A 384 31.95 -19.23 16.52
CA ASN A 384 32.32 -17.95 17.10
C ASN A 384 33.74 -17.92 17.63
N LEU A 385 34.51 -18.98 17.42
CA LEU A 385 35.91 -19.00 17.84
C LEU A 385 36.76 -19.57 16.71
N THR A 386 37.91 -18.94 16.47
CA THR A 386 38.84 -19.39 15.44
C THR A 386 40.20 -18.78 15.76
N THR A 387 41.14 -18.93 14.82
CA THR A 387 42.45 -18.30 14.91
C THR A 387 42.45 -16.91 14.27
N THR A 388 41.28 -16.27 14.21
CA THR A 388 41.12 -14.96 13.57
C THR A 388 41.63 -15.00 12.12
N GLU A 389 41.31 -16.09 11.43
CA GLU A 389 41.67 -16.25 10.03
C GLU A 389 40.46 -16.77 9.26
N VAL A 390 40.36 -16.37 8.00
CA VAL A 390 39.23 -16.71 7.14
C VAL A 390 39.77 -17.59 6.02
N VAL A 391 39.32 -18.85 5.99
CA VAL A 391 39.77 -19.81 4.99
C VAL A 391 38.57 -20.60 4.49
N MET A 392 38.45 -20.73 3.17
CA MET A 392 37.47 -21.62 2.57
C MET A 392 38.14 -22.35 1.41
N GLU A 393 37.73 -23.60 1.19
CA GLU A 393 38.38 -24.45 0.20
C GLU A 393 37.34 -25.24 -0.56
N ASN A 394 37.49 -25.27 -1.89
CA ASN A 394 36.64 -26.06 -2.78
C ASN A 394 35.17 -25.71 -2.59
N VAL A 395 34.84 -24.45 -2.88
CA VAL A 395 33.48 -23.94 -2.77
C VAL A 395 32.92 -23.79 -4.18
N THR A 396 31.80 -24.48 -4.45
CA THR A 396 31.10 -24.40 -5.72
C THR A 396 29.63 -24.13 -5.42
N ALA A 397 29.05 -23.13 -6.07
CA ALA A 397 27.72 -22.68 -5.72
C ALA A 397 26.92 -22.30 -6.96
N PHE A 398 25.62 -22.51 -6.89
CA PHE A 398 24.68 -22.16 -7.95
C PHE A 398 23.69 -21.15 -7.40
N TRP A 399 23.44 -20.08 -8.16
CA TRP A 399 22.46 -19.09 -7.73
C TRP A 399 21.04 -19.68 -7.77
N GLU A 400 20.59 -20.08 -8.95
CA GLU A 400 19.32 -20.78 -9.06
C GLU A 400 19.44 -22.16 -8.43
N GLU A 401 18.31 -22.67 -7.92
CA GLU A 401 18.33 -23.96 -7.25
C GLU A 401 18.75 -25.08 -8.19
N GLY A 402 18.28 -25.03 -9.43
CA GLY A 402 18.64 -26.04 -10.40
C GLY A 402 20.11 -26.04 -10.78
N GLY A 435 21.58 -25.71 -13.80
CA GLY A 435 22.10 -24.62 -14.61
C GLY A 435 23.61 -24.48 -14.53
N THR A 436 24.12 -23.39 -15.05
CA THR A 436 25.57 -23.16 -15.03
C THR A 436 26.00 -22.65 -13.66
N PRO A 437 27.05 -23.22 -13.08
CA PRO A 437 27.53 -22.74 -11.78
C PRO A 437 28.06 -21.31 -11.85
N VAL A 438 27.90 -20.60 -10.74
CA VAL A 438 28.40 -19.23 -10.63
C VAL A 438 29.84 -19.21 -10.12
N LEU A 439 30.16 -20.11 -9.19
CA LEU A 439 31.50 -20.22 -8.62
C LEU A 439 31.91 -21.68 -8.62
N LYS A 440 33.19 -21.95 -8.87
CA LYS A 440 33.67 -23.32 -8.86
C LYS A 440 35.15 -23.36 -8.48
N ASP A 441 35.47 -24.20 -7.50
CA ASP A 441 36.85 -24.48 -7.08
C ASP A 441 37.61 -23.19 -6.77
N ILE A 442 37.14 -22.48 -5.76
CA ILE A 442 37.77 -21.25 -5.29
C ILE A 442 38.32 -21.50 -3.89
N ASN A 443 39.63 -21.32 -3.73
CA ASN A 443 40.29 -21.51 -2.45
C ASN A 443 41.15 -20.30 -2.12
N PHE A 444 41.08 -19.85 -0.86
CA PHE A 444 41.95 -18.77 -0.39
C PHE A 444 41.99 -18.81 1.12
N LYS A 445 42.98 -18.12 1.68
CA LYS A 445 43.18 -18.06 3.12
C LYS A 445 43.89 -16.76 3.46
N ILE A 446 43.42 -16.10 4.51
CA ILE A 446 44.00 -14.84 4.97
C ILE A 446 44.08 -14.86 6.49
N GLU A 447 45.21 -14.40 7.02
CA GLU A 447 45.38 -14.27 8.46
C GLU A 447 44.70 -12.99 8.93
N ARG A 448 44.95 -12.60 10.17
CA ARG A 448 44.43 -11.34 10.68
C ARG A 448 45.35 -10.19 10.28
N GLY A 449 44.76 -9.04 10.00
CA GLY A 449 45.51 -7.88 9.58
C GLY A 449 45.91 -7.83 8.12
N GLN A 450 45.48 -8.81 7.33
CA GLN A 450 45.81 -8.87 5.92
C GLN A 450 44.66 -8.33 5.09
N LEU A 451 44.98 -7.87 3.88
CA LEU A 451 44.01 -7.37 2.92
C LEU A 451 44.02 -8.26 1.69
N LEU A 452 42.85 -8.78 1.33
CA LEU A 452 42.69 -9.58 0.13
C LEU A 452 41.87 -8.78 -0.88
N ALA A 453 42.40 -8.63 -2.09
CA ALA A 453 41.77 -7.85 -3.14
C ALA A 453 41.36 -8.77 -4.26
N VAL A 454 40.08 -8.76 -4.61
CA VAL A 454 39.53 -9.57 -5.68
C VAL A 454 39.23 -8.67 -6.87
N ALA A 455 39.33 -9.23 -8.06
CA ALA A 455 39.11 -8.48 -9.28
C ALA A 455 38.70 -9.44 -10.39
N GLY A 456 38.14 -8.87 -11.45
CA GLY A 456 37.71 -9.67 -12.59
C GLY A 456 36.71 -8.91 -13.43
N SER A 457 36.44 -9.47 -14.61
CA SER A 457 35.51 -8.84 -15.53
C SER A 457 34.09 -8.91 -14.98
N THR A 458 33.19 -8.14 -15.59
CA THR A 458 31.80 -8.15 -15.17
C THR A 458 31.18 -9.52 -15.38
N GLY A 459 30.44 -9.98 -14.38
CA GLY A 459 29.88 -11.31 -14.39
C GLY A 459 30.77 -12.38 -13.79
N ALA A 460 31.98 -12.03 -13.36
CA ALA A 460 32.87 -13.02 -12.76
C ALA A 460 32.28 -13.59 -11.47
N GLY A 461 31.72 -12.72 -10.62
CA GLY A 461 31.10 -13.20 -9.40
C GLY A 461 31.76 -12.72 -8.12
N LYS A 462 32.30 -11.50 -8.12
CA LYS A 462 32.88 -10.95 -6.90
C LYS A 462 31.82 -10.70 -5.84
N THR A 463 30.69 -10.12 -6.24
CA THR A 463 29.60 -9.92 -5.29
C THR A 463 29.03 -11.25 -4.81
N SER A 464 28.96 -12.24 -5.69
CA SER A 464 28.53 -13.57 -5.28
C SER A 464 29.50 -14.22 -4.31
N LEU A 465 30.81 -13.97 -4.49
CA LEU A 465 31.80 -14.49 -3.55
C LEU A 465 31.62 -13.87 -2.18
N LEU A 466 31.44 -12.54 -2.14
CA LEU A 466 31.18 -11.88 -0.86
C LEU A 466 29.87 -12.37 -0.25
N MET A 467 28.88 -12.70 -1.08
CA MET A 467 27.63 -13.24 -0.59
C MET A 467 27.82 -14.62 0.02
N VAL A 468 28.65 -15.45 -0.61
CA VAL A 468 29.00 -16.75 -0.04
C VAL A 468 29.65 -16.57 1.32
N ILE A 469 30.57 -15.61 1.43
CA ILE A 469 31.21 -15.34 2.71
C ILE A 469 30.17 -14.90 3.75
N MET A 470 29.27 -14.01 3.35
CA MET A 470 28.24 -13.50 4.27
C MET A 470 27.25 -14.57 4.68
N GLY A 471 27.10 -15.64 3.89
CA GLY A 471 26.18 -16.70 4.22
C GLY A 471 24.80 -16.57 3.61
N GLU A 472 24.51 -15.46 2.92
CA GLU A 472 23.24 -15.32 2.22
C GLU A 472 23.10 -16.29 1.06
N LEU A 473 24.19 -16.94 0.65
CA LEU A 473 24.17 -17.91 -0.44
C LEU A 473 24.76 -19.22 0.07
N GLU A 474 24.04 -20.31 -0.12
CA GLU A 474 24.46 -21.61 0.41
C GLU A 474 25.26 -22.34 -0.65
N PRO A 475 26.54 -22.61 -0.43
CA PRO A 475 27.31 -23.41 -1.40
C PRO A 475 26.79 -24.83 -1.48
N SER A 476 26.86 -25.41 -2.68
CA SER A 476 26.46 -26.79 -2.87
C SER A 476 27.57 -27.78 -2.56
N GLU A 477 28.80 -27.30 -2.35
CA GLU A 477 29.92 -28.18 -2.03
C GLU A 477 31.05 -27.32 -1.48
N GLY A 478 31.49 -27.61 -0.26
CA GLY A 478 32.59 -26.89 0.35
C GLY A 478 32.25 -26.44 1.74
N LYS A 479 33.10 -25.59 2.30
CA LYS A 479 32.93 -25.10 3.65
C LYS A 479 33.61 -23.76 3.81
N ILE A 480 32.99 -22.88 4.60
CA ILE A 480 33.55 -21.59 4.96
C ILE A 480 33.60 -21.50 6.48
N LYS A 481 34.78 -21.21 7.01
CA LYS A 481 34.96 -21.09 8.46
C LYS A 481 35.59 -19.74 8.78
N HIS A 482 34.93 -18.95 9.62
CA HIS A 482 35.41 -17.64 10.02
C HIS A 482 34.56 -17.16 11.19
N SER A 483 35.06 -16.13 11.87
CA SER A 483 34.35 -15.54 12.99
C SER A 483 33.08 -14.84 12.50
N GLY A 484 32.05 -14.86 13.33
CA GLY A 484 30.75 -14.35 12.92
C GLY A 484 30.73 -12.85 12.65
N ARG A 485 31.53 -12.09 13.39
CA ARG A 485 31.48 -10.63 13.31
C ARG A 485 32.04 -10.17 11.97
N ILE A 486 31.19 -9.60 11.12
CA ILE A 486 31.60 -9.04 9.84
C ILE A 486 30.91 -7.69 9.64
N SER A 487 31.45 -6.91 8.71
CA SER A 487 30.89 -5.61 8.35
C SER A 487 30.74 -5.54 6.84
N PHE A 488 29.63 -4.96 6.37
CA PHE A 488 29.25 -5.00 4.97
C PHE A 488 29.14 -3.60 4.40
N CYS A 489 29.60 -3.43 3.17
CA CYS A 489 29.44 -2.19 2.41
C CYS A 489 28.96 -2.55 1.01
N PRO A 490 27.67 -2.38 0.72
CA PRO A 490 27.13 -2.87 -0.55
C PRO A 490 27.58 -2.04 -1.73
N GLN A 491 27.51 -2.65 -2.92
CA GLN A 491 27.81 -1.92 -4.15
C GLN A 491 26.83 -0.79 -4.38
N PHE A 492 25.54 -1.05 -4.16
CA PHE A 492 24.53 -0.01 -4.25
C PHE A 492 24.32 0.61 -2.88
N PRO A 493 24.59 1.90 -2.70
CA PRO A 493 24.46 2.50 -1.37
C PRO A 493 23.03 2.44 -0.85
N TRP A 494 22.90 2.20 0.45
CA TRP A 494 21.62 2.10 1.12
C TRP A 494 21.53 3.17 2.19
N ILE A 495 20.43 3.91 2.20
CA ILE A 495 20.22 5.01 3.15
C ILE A 495 18.84 4.81 3.78
N MET A 496 18.79 4.20 4.96
CA MET A 496 17.54 4.10 5.68
C MET A 496 17.10 5.48 6.15
N PRO A 497 15.78 5.70 6.23
CA PRO A 497 15.22 7.01 6.56
C PRO A 497 15.48 7.52 7.97
N GLY A 498 16.35 8.52 8.10
CA GLY A 498 16.59 9.09 9.41
C GLY A 498 17.67 10.14 9.30
N THR A 499 18.14 10.61 10.45
CA THR A 499 19.20 11.60 10.47
C THR A 499 20.50 11.00 9.96
N ILE A 500 21.43 11.88 9.58
CA ILE A 500 22.74 11.41 9.14
C ILE A 500 23.47 10.73 10.28
N LYS A 501 23.35 11.28 11.49
CA LYS A 501 23.96 10.65 12.66
C LYS A 501 23.39 9.26 12.90
N GLU A 502 22.06 9.11 12.79
CA GLU A 502 21.45 7.80 12.95
C GLU A 502 21.88 6.84 11.84
N ASN A 503 21.98 7.34 10.61
CA ASN A 503 22.40 6.50 9.49
C ASN A 503 23.82 5.98 9.70
N ILE A 504 24.73 6.85 10.15
CA ILE A 504 26.11 6.42 10.38
C ILE A 504 26.20 5.50 11.58
N ILE A 505 25.48 5.82 12.66
CA ILE A 505 25.58 5.04 13.89
C ILE A 505 25.01 3.64 13.69
N PHE A 506 23.80 3.56 13.13
CA PHE A 506 23.11 2.30 12.87
C PHE A 506 22.88 1.50 14.16
N GLY A 507 22.16 2.15 15.08
CA GLY A 507 21.65 1.46 16.26
C GLY A 507 22.68 0.90 17.22
N VAL A 508 23.70 1.68 17.54
CA VAL A 508 24.68 1.32 18.56
C VAL A 508 24.91 2.54 19.46
N SER A 509 25.71 2.34 20.50
CA SER A 509 26.02 3.42 21.42
C SER A 509 26.83 4.50 20.71
N TYR A 510 26.37 5.74 20.83
CA TYR A 510 27.04 6.86 20.16
C TYR A 510 28.37 7.16 20.83
N ASP A 511 29.34 7.58 20.01
CA ASP A 511 30.67 7.92 20.47
C ASP A 511 31.06 9.30 19.93
N GLU A 512 32.04 9.91 20.59
CA GLU A 512 32.50 11.24 20.22
C GLU A 512 33.86 11.26 19.55
N TYR A 513 34.74 10.31 19.86
CA TYR A 513 36.06 10.26 19.25
C TYR A 513 36.08 9.39 17.99
N ARG A 514 35.60 8.15 18.11
CA ARG A 514 35.58 7.24 16.96
C ARG A 514 34.70 7.78 15.85
N TYR A 515 33.52 8.30 16.20
CA TYR A 515 32.62 8.86 15.20
C TYR A 515 33.23 10.05 14.50
N ARG A 516 33.86 10.94 15.26
CA ARG A 516 34.49 12.12 14.65
C ARG A 516 35.65 11.72 13.75
N SER A 517 36.46 10.75 14.17
CA SER A 517 37.57 10.31 13.34
C SER A 517 37.07 9.67 12.05
N VAL A 518 36.00 8.87 12.14
CA VAL A 518 35.45 8.24 10.94
C VAL A 518 34.89 9.31 9.99
N ILE A 519 34.14 10.28 10.54
CA ILE A 519 33.56 11.32 9.72
C ILE A 519 34.63 12.22 9.11
N LYS A 520 35.80 12.29 9.73
CA LYS A 520 36.90 13.08 9.14
C LYS A 520 37.66 12.28 8.09
N ALA A 521 37.83 10.98 8.31
CA ALA A 521 38.59 10.15 7.38
C ALA A 521 37.78 9.68 6.18
N CYS A 522 36.45 9.83 6.21
CA CYS A 522 35.62 9.49 5.07
C CYS A 522 35.25 10.72 4.23
N GLN A 523 35.91 11.86 4.47
CA GLN A 523 35.71 13.09 3.68
C GLN A 523 34.25 13.55 3.71
N LEU A 524 33.70 13.65 4.92
CA LEU A 524 32.33 14.08 5.12
C LEU A 524 32.26 15.37 5.94
N GLU A 525 33.31 16.19 5.88
CA GLU A 525 33.34 17.41 6.66
C GLU A 525 32.56 18.52 5.96
N GLU A 526 33.00 18.89 4.76
CA GLU A 526 32.42 20.04 4.05
C GLU A 526 30.97 19.78 3.66
N ASP A 527 30.66 18.57 3.17
CA ASP A 527 29.30 18.27 2.75
C ASP A 527 28.32 18.38 3.90
N ILE A 528 28.70 17.86 5.07
CA ILE A 528 27.86 17.98 6.25
C ILE A 528 27.78 19.42 6.73
N SER A 529 28.90 20.16 6.64
CA SER A 529 28.90 21.55 7.08
C SER A 529 28.00 22.43 6.22
N LYS A 530 27.81 22.07 4.94
CA LYS A 530 26.97 22.89 4.07
C LYS A 530 25.51 22.87 4.52
N PHE A 531 25.09 21.82 5.21
CA PHE A 531 23.70 21.72 5.65
C PHE A 531 23.43 22.72 6.78
N PRO A 532 22.19 23.24 6.87
CA PRO A 532 21.88 24.20 7.94
C PRO A 532 21.91 23.54 9.31
N GLU A 533 21.18 22.44 9.46
CA GLU A 533 21.35 21.58 10.63
C GLU A 533 22.61 20.75 10.40
N LYS A 534 23.63 20.99 11.22
CA LYS A 534 24.98 20.54 10.88
C LYS A 534 25.03 19.03 10.68
N ASP A 535 24.78 18.26 11.74
CA ASP A 535 24.95 16.82 11.70
C ASP A 535 23.64 16.08 11.44
N ASN A 536 22.61 16.32 12.25
CA ASN A 536 21.37 15.55 12.18
C ASN A 536 20.36 16.29 11.31
N THR A 537 20.46 16.07 10.00
CA THR A 537 19.43 16.51 9.07
C THR A 537 18.39 15.40 8.96
N VAL A 538 17.52 15.48 7.95
CA VAL A 538 16.55 14.43 7.67
C VAL A 538 16.71 14.00 6.22
N LEU A 539 16.90 12.70 6.01
CA LEU A 539 17.01 12.13 4.68
C LEU A 539 15.84 11.19 4.44
N GLY A 540 15.21 11.32 3.28
CA GLY A 540 14.10 10.48 2.93
C GLY A 540 14.53 9.08 2.54
N GLU A 541 13.54 8.24 2.25
CA GLU A 541 13.81 6.87 1.84
C GLU A 541 14.58 6.85 0.53
N GLY A 542 15.83 6.39 0.59
CA GLY A 542 16.69 6.37 -0.57
C GLY A 542 17.70 7.49 -0.65
N GLY A 543 17.63 8.47 0.25
CA GLY A 543 18.56 9.58 0.24
C GLY A 543 18.44 10.44 -1.01
N ILE A 544 17.20 10.77 -1.40
CA ILE A 544 16.98 11.55 -2.60
C ILE A 544 17.59 12.95 -2.46
N THR A 545 17.64 13.47 -1.24
CA THR A 545 18.24 14.80 -1.03
C THR A 545 19.72 14.79 -1.39
N LEU A 546 20.45 13.76 -0.99
CA LEU A 546 21.87 13.67 -1.28
C LEU A 546 22.10 13.30 -2.75
N SER A 547 23.33 13.54 -3.22
CA SER A 547 23.71 13.20 -4.57
C SER A 547 24.06 11.71 -4.63
N GLY A 548 24.65 11.28 -5.75
CA GLY A 548 25.09 9.90 -5.88
C GLY A 548 26.47 9.62 -5.35
N GLY A 549 27.27 10.65 -5.11
CA GLY A 549 28.62 10.46 -4.62
C GLY A 549 28.76 10.65 -3.13
N GLN A 550 27.69 11.07 -2.47
CA GLN A 550 27.68 11.20 -1.02
C GLN A 550 26.99 10.04 -0.31
N ARG A 551 26.03 9.38 -0.97
CA ARG A 551 25.44 8.18 -0.41
C ARG A 551 26.48 7.07 -0.28
N ALA A 552 27.38 6.96 -1.27
CA ALA A 552 28.46 6.00 -1.18
C ALA A 552 29.39 6.31 -0.01
N LYS A 553 29.69 7.59 0.21
CA LYS A 553 30.53 7.98 1.33
C LYS A 553 29.85 7.65 2.66
N ILE A 554 28.55 7.90 2.76
CA ILE A 554 27.83 7.58 3.99
C ILE A 554 27.84 6.07 4.23
N SER A 555 27.62 5.28 3.18
CA SER A 555 27.64 3.83 3.32
C SER A 555 29.02 3.34 3.76
N LEU A 556 30.07 3.88 3.16
CA LEU A 556 31.43 3.49 3.56
C LEU A 556 31.71 3.87 5.01
N ALA A 557 31.27 5.05 5.43
CA ALA A 557 31.46 5.46 6.82
C ALA A 557 30.70 4.54 7.77
N ARG A 558 29.48 4.15 7.40
CA ARG A 558 28.71 3.23 8.23
C ARG A 558 29.41 1.89 8.34
N ALA A 559 29.98 1.39 7.24
CA ALA A 559 30.71 0.13 7.30
C ALA A 559 31.95 0.25 8.16
N VAL A 560 32.66 1.38 8.07
CA VAL A 560 33.90 1.55 8.84
C VAL A 560 33.59 1.68 10.33
N TYR A 561 32.50 2.33 10.68
CA TYR A 561 32.21 2.62 12.09
C TYR A 561 32.04 1.34 12.90
N LYS A 562 31.38 0.33 12.34
CA LYS A 562 31.07 -0.89 13.08
C LYS A 562 32.36 -1.57 13.55
N ASP A 563 32.35 -2.02 14.79
CA ASP A 563 33.47 -2.78 15.36
C ASP A 563 33.25 -4.26 15.04
N ALA A 564 33.96 -4.76 14.03
CA ALA A 564 33.84 -6.14 13.61
C ALA A 564 35.23 -6.72 13.37
N ASP A 565 35.27 -8.02 13.09
CA ASP A 565 36.54 -8.68 12.85
C ASP A 565 36.99 -8.53 11.40
N LEU A 566 36.06 -8.57 10.46
CA LEU A 566 36.38 -8.55 9.04
C LEU A 566 35.48 -7.55 8.33
N TYR A 567 36.08 -6.64 7.58
CA TYR A 567 35.36 -5.62 6.82
C TYR A 567 35.43 -5.99 5.35
N LEU A 568 34.41 -6.70 4.87
CA LEU A 568 34.33 -7.05 3.45
C LEU A 568 33.64 -5.90 2.72
N LEU A 569 34.41 -5.16 1.94
CA LEU A 569 33.91 -3.97 1.24
C LEU A 569 33.72 -4.31 -0.23
N ASP A 570 32.52 -4.06 -0.74
CA ASP A 570 32.16 -4.44 -2.11
C ASP A 570 32.22 -3.20 -3.00
N SER A 571 33.44 -2.91 -3.48
CA SER A 571 33.72 -1.78 -4.36
C SER A 571 33.17 -0.47 -3.80
N PRO A 572 33.68 0.01 -2.67
CA PRO A 572 33.18 1.28 -2.12
C PRO A 572 33.40 2.47 -3.03
N PHE A 573 34.49 2.49 -3.79
CA PHE A 573 34.81 3.63 -4.65
C PHE A 573 34.19 3.46 -6.03
N GLY A 574 32.87 3.42 -6.06
CA GLY A 574 32.16 3.26 -7.30
C GLY A 574 31.80 4.58 -7.95
N TYR A 575 31.15 5.46 -7.19
CA TYR A 575 30.73 6.77 -7.66
C TYR A 575 31.62 7.88 -7.13
N LEU A 576 32.89 7.60 -6.89
CA LEU A 576 33.85 8.56 -6.36
C LEU A 576 34.90 8.88 -7.41
N ASP A 577 35.33 10.13 -7.45
CA ASP A 577 36.34 10.56 -8.41
C ASP A 577 37.69 9.96 -8.05
N VAL A 578 38.65 10.13 -8.96
CA VAL A 578 39.98 9.55 -8.78
C VAL A 578 40.67 10.16 -7.57
N LEU A 579 40.59 11.49 -7.42
CA LEU A 579 41.25 12.16 -6.30
C LEU A 579 40.65 11.74 -4.97
N THR A 580 39.31 11.69 -4.87
CA THR A 580 38.68 11.28 -3.64
C THR A 580 38.99 9.83 -3.31
N GLU A 581 39.00 8.96 -4.33
CA GLU A 581 39.34 7.56 -4.09
C GLU A 581 40.77 7.43 -3.58
N LYS A 582 41.71 8.17 -4.18
CA LYS A 582 43.09 8.11 -3.73
C LYS A 582 43.24 8.64 -2.31
N GLU A 583 42.51 9.72 -1.97
CA GLU A 583 42.61 10.27 -0.62
C GLU A 583 41.96 9.38 0.42
N ILE A 584 40.95 8.60 0.03
CA ILE A 584 40.26 7.75 0.99
C ILE A 584 41.01 6.44 1.18
N PHE A 585 41.52 5.84 0.11
CA PHE A 585 42.15 4.52 0.21
C PHE A 585 43.36 4.54 1.13
N GLU A 586 44.18 5.59 1.04
CA GLU A 586 45.39 5.67 1.84
C GLU A 586 45.14 6.17 3.26
N SER A 587 43.93 6.61 3.57
CA SER A 587 43.62 7.15 4.89
C SER A 587 42.50 6.44 5.62
N CYS A 588 41.80 5.50 4.98
CA CYS A 588 40.69 4.82 5.63
C CYS A 588 40.84 3.31 5.53
N VAL A 589 41.46 2.82 4.45
CA VAL A 589 41.61 1.38 4.24
C VAL A 589 43.03 0.90 4.55
N CYS A 590 43.99 1.80 4.70
CA CYS A 590 45.36 1.40 5.02
C CYS A 590 45.98 2.20 6.15
N LYS A 591 45.24 3.12 6.78
CA LYS A 591 45.78 3.93 7.85
C LYS A 591 44.88 3.89 9.08
N LEU A 592 43.58 3.75 8.88
CA LEU A 592 42.62 3.72 9.98
C LEU A 592 42.37 2.31 10.50
N MET A 593 42.33 1.32 9.62
CA MET A 593 42.08 -0.07 9.99
C MET A 593 43.14 -0.98 9.36
N ALA A 594 44.41 -0.60 9.53
CA ALA A 594 45.52 -1.35 8.95
C ALA A 594 45.92 -2.56 9.80
N ASN A 595 45.07 -2.99 10.74
CA ASN A 595 45.38 -4.14 11.58
C ASN A 595 44.23 -5.16 11.63
N LYS A 596 43.18 -4.96 10.84
CA LYS A 596 42.05 -5.86 10.81
C LYS A 596 41.84 -6.37 9.40
N THR A 597 41.57 -7.66 9.27
CA THR A 597 41.41 -8.28 7.95
C THR A 597 40.24 -7.66 7.21
N ARG A 598 40.45 -7.40 5.92
CA ARG A 598 39.43 -6.77 5.09
C ARG A 598 39.55 -7.25 3.66
N ILE A 599 38.42 -7.59 3.06
CA ILE A 599 38.36 -8.06 1.68
C ILE A 599 37.77 -6.96 0.83
N LEU A 600 38.54 -6.50 -0.16
CA LEU A 600 38.14 -5.37 -1.00
C LEU A 600 37.98 -5.83 -2.44
N VAL A 601 36.95 -5.35 -3.10
CA VAL A 601 36.70 -5.64 -4.51
C VAL A 601 37.38 -4.55 -5.33
N THR A 602 38.51 -4.89 -5.95
CA THR A 602 39.36 -3.93 -6.63
C THR A 602 39.10 -3.94 -8.13
N SER A 603 39.40 -2.81 -8.78
CA SER A 603 39.34 -2.73 -10.23
C SER A 603 40.48 -1.89 -10.80
N LYS A 604 41.53 -1.63 -10.00
CA LYS A 604 42.64 -0.79 -10.45
C LYS A 604 43.97 -1.49 -10.20
N MET A 605 45.08 -0.78 -10.44
CA MET A 605 46.42 -1.32 -10.22
C MET A 605 47.10 -0.76 -8.99
N GLU A 606 46.86 0.50 -8.64
CA GLU A 606 47.42 1.06 -7.42
C GLU A 606 46.80 0.40 -6.19
N HIS A 607 45.57 -0.10 -6.30
CA HIS A 607 44.94 -0.82 -5.21
C HIS A 607 45.45 -2.25 -5.09
N LEU A 608 46.04 -2.80 -6.15
CA LEU A 608 46.64 -4.13 -6.08
C LEU A 608 48.11 -4.09 -5.71
N LYS A 609 48.79 -2.98 -6.02
CA LYS A 609 50.21 -2.86 -5.65
C LYS A 609 50.38 -2.90 -4.14
N LYS A 610 49.48 -2.27 -3.39
CA LYS A 610 49.52 -2.25 -1.94
C LYS A 610 48.79 -3.41 -1.31
N ALA A 611 48.24 -4.33 -2.10
CA ALA A 611 47.50 -5.46 -1.57
C ALA A 611 48.44 -6.49 -0.96
N ASP A 612 47.86 -7.38 -0.14
CA ASP A 612 48.58 -8.49 0.44
C ASP A 612 48.37 -9.80 -0.32
N LYS A 613 47.23 -9.95 -0.98
CA LYS A 613 46.95 -11.10 -1.83
C LYS A 613 46.00 -10.67 -2.94
N ILE A 614 45.98 -11.45 -4.01
CA ILE A 614 45.18 -11.15 -5.19
C ILE A 614 44.45 -12.42 -5.63
N LEU A 615 43.16 -12.27 -5.96
CA LEU A 615 42.36 -13.34 -6.54
C LEU A 615 41.61 -12.77 -7.74
N ILE A 616 41.93 -13.24 -8.94
CA ILE A 616 41.34 -12.71 -10.16
C ILE A 616 40.34 -13.74 -10.67
N LEU A 617 39.06 -13.47 -10.46
CA LEU A 617 38.01 -14.32 -10.99
C LEU A 617 37.81 -14.07 -12.48
N HIS A 618 37.30 -15.09 -13.16
CA HIS A 618 36.97 -14.96 -14.58
C HIS A 618 35.95 -16.04 -14.92
N GLU A 619 34.72 -15.62 -15.23
CA GLU A 619 33.64 -16.56 -15.56
C GLU A 619 33.37 -17.53 -14.42
N GLY A 620 33.58 -17.08 -13.19
CA GLY A 620 33.42 -17.94 -12.03
C GLY A 620 34.47 -19.05 -12.00
N SER A 621 35.73 -18.67 -11.83
CA SER A 621 36.82 -19.61 -11.75
C SER A 621 38.05 -18.88 -11.24
N SER A 622 38.86 -19.57 -10.43
CA SER A 622 40.05 -18.98 -9.83
C SER A 622 41.14 -18.92 -10.90
N TYR A 623 41.16 -17.83 -11.67
CA TYR A 623 42.18 -17.67 -12.70
C TYR A 623 43.56 -17.46 -12.08
N PHE A 624 43.64 -16.78 -10.94
CA PHE A 624 44.92 -16.54 -10.29
C PHE A 624 44.69 -16.35 -8.80
N TYR A 625 45.69 -16.70 -8.01
CA TYR A 625 45.66 -16.47 -6.56
C TYR A 625 47.11 -16.38 -6.08
N GLY A 626 47.55 -15.16 -5.78
CA GLY A 626 48.92 -14.96 -5.35
C GLY A 626 49.22 -13.49 -5.15
N THR A 627 50.49 -13.22 -4.87
CA THR A 627 50.94 -11.87 -4.60
C THR A 627 51.23 -11.11 -5.90
N PHE A 628 51.31 -9.78 -5.79
CA PHE A 628 51.45 -8.95 -6.97
C PHE A 628 52.79 -9.17 -7.67
N SER A 629 53.86 -9.48 -6.93
CA SER A 629 55.14 -9.75 -7.56
C SER A 629 55.06 -10.99 -8.46
N GLU A 630 54.43 -12.05 -7.96
CA GLU A 630 54.26 -13.23 -8.79
C GLU A 630 53.28 -12.98 -9.91
N LEU A 631 52.29 -12.11 -9.71
CA LEU A 631 51.40 -11.72 -10.79
C LEU A 631 52.18 -11.02 -11.90
N GLN A 632 53.09 -10.11 -11.54
CA GLN A 632 53.90 -9.41 -12.53
C GLN A 632 54.82 -10.37 -13.26
N ASN A 633 55.43 -11.31 -12.54
CA ASN A 633 56.30 -12.28 -13.19
C ASN A 633 55.54 -13.33 -13.98
N LEU A 634 54.24 -13.48 -13.74
CA LEU A 634 53.46 -14.49 -14.46
C LEU A 634 53.34 -14.16 -15.94
N GLN A 635 53.02 -12.91 -16.27
CA GLN A 635 52.82 -12.52 -17.66
C GLN A 635 53.95 -11.62 -18.15
N TRP A 844 -21.36 17.16 0.55
CA TRP A 844 -21.04 18.57 0.40
C TRP A 844 -20.49 18.87 -0.99
N ASN A 845 -19.22 19.22 -1.08
CA ASN A 845 -18.58 19.51 -2.35
C ASN A 845 -17.88 18.31 -2.96
N THR A 846 -17.90 17.16 -2.28
CA THR A 846 -17.35 15.93 -2.84
C THR A 846 -18.41 15.09 -3.54
N TYR A 847 -19.62 15.06 -2.98
CA TYR A 847 -20.72 14.33 -3.63
C TYR A 847 -21.03 14.92 -5.00
N LEU A 848 -21.08 16.25 -5.10
CA LEU A 848 -21.42 16.89 -6.37
C LEU A 848 -20.33 16.67 -7.40
N ARG A 849 -19.08 16.60 -6.99
CA ARG A 849 -17.97 16.37 -7.92
C ARG A 849 -17.74 14.91 -8.22
N TYR A 850 -18.32 13.99 -7.45
CA TYR A 850 -18.15 12.57 -7.69
C TYR A 850 -19.13 12.02 -8.72
N ILE A 851 -20.37 12.52 -8.73
CA ILE A 851 -21.37 12.02 -9.65
C ILE A 851 -21.36 12.74 -10.99
N THR A 852 -20.77 13.93 -11.07
CA THR A 852 -20.74 14.70 -12.30
C THR A 852 -19.58 14.34 -13.22
N VAL A 853 -18.69 13.44 -12.77
CA VAL A 853 -17.62 12.97 -13.65
C VAL A 853 -18.21 12.23 -14.84
N HIS A 854 -19.17 11.35 -14.58
CA HIS A 854 -19.81 10.56 -15.62
C HIS A 854 -21.26 10.99 -15.78
N LYS A 855 -21.65 11.30 -17.03
CA LYS A 855 -23.00 11.76 -17.31
C LYS A 855 -24.02 10.63 -17.24
N SER A 856 -23.58 9.40 -17.50
CA SER A 856 -24.49 8.27 -17.40
C SER A 856 -24.94 8.03 -15.97
N LEU A 857 -24.15 8.46 -14.98
CA LEU A 857 -24.59 8.33 -13.60
C LEU A 857 -25.81 9.21 -13.34
N ILE A 858 -25.81 10.45 -13.85
CA ILE A 858 -26.99 11.30 -13.73
C ILE A 858 -28.15 10.72 -14.52
N PHE A 859 -27.88 10.27 -15.75
CA PHE A 859 -28.95 9.72 -16.58
C PHE A 859 -29.52 8.42 -16.04
N VAL A 860 -28.79 7.72 -15.16
CA VAL A 860 -29.36 6.53 -14.54
C VAL A 860 -30.00 6.83 -13.19
N LEU A 861 -29.51 7.83 -12.47
CA LEU A 861 -30.17 8.22 -11.21
C LEU A 861 -31.54 8.82 -11.48
N ILE A 862 -31.67 9.63 -12.53
CA ILE A 862 -32.98 10.17 -12.88
C ILE A 862 -33.93 9.04 -13.28
N TRP A 863 -33.42 8.04 -14.00
CA TRP A 863 -34.24 6.92 -14.43
C TRP A 863 -34.64 6.03 -13.26
N CYS A 864 -33.79 5.93 -12.24
CA CYS A 864 -34.11 5.13 -11.05
C CYS A 864 -34.94 5.91 -10.03
N LEU A 865 -35.12 7.22 -10.22
CA LEU A 865 -35.99 8.00 -9.36
C LEU A 865 -37.37 8.25 -9.95
N VAL A 866 -37.48 8.48 -11.26
CA VAL A 866 -38.79 8.75 -11.85
C VAL A 866 -39.67 7.49 -11.84
N ILE A 867 -39.06 6.31 -11.97
CA ILE A 867 -39.84 5.08 -11.86
C ILE A 867 -40.37 4.91 -10.46
N PHE A 868 -39.58 5.29 -9.46
CA PHE A 868 -40.08 5.28 -8.08
C PHE A 868 -41.21 6.29 -7.90
N LEU A 869 -41.12 7.44 -8.57
CA LEU A 869 -42.22 8.39 -8.51
C LEU A 869 -43.50 7.79 -9.08
N ALA A 870 -43.41 7.10 -10.21
CA ALA A 870 -44.59 6.44 -10.77
C ALA A 870 -45.09 5.33 -9.85
N GLU A 871 -44.17 4.59 -9.23
CA GLU A 871 -44.56 3.50 -8.33
C GLU A 871 -45.29 4.04 -7.10
N VAL A 872 -44.84 5.17 -6.57
CA VAL A 872 -45.52 5.76 -5.41
C VAL A 872 -46.79 6.51 -5.80
N ALA A 873 -46.92 6.94 -7.06
CA ALA A 873 -48.19 7.48 -7.53
C ALA A 873 -49.17 6.39 -7.93
N ALA A 874 -48.72 5.14 -8.00
CA ALA A 874 -49.61 4.00 -8.17
C ALA A 874 -50.03 3.39 -6.84
N SER A 875 -49.79 4.11 -5.73
CA SER A 875 -50.22 3.65 -4.42
C SER A 875 -50.77 4.79 -3.56
N LEU A 876 -51.12 5.92 -4.17
CA LEU A 876 -51.66 7.05 -3.42
C LEU A 876 -52.97 7.53 -4.03
N VAL A 877 -53.11 7.38 -5.35
CA VAL A 877 -54.31 7.82 -6.05
C VAL A 877 -55.13 6.68 -6.60
N VAL A 878 -54.58 5.46 -6.66
CA VAL A 878 -55.37 4.28 -7.00
C VAL A 878 -56.14 3.74 -5.80
N LEU A 879 -55.99 4.37 -4.63
CA LEU A 879 -56.63 3.90 -3.41
C LEU A 879 -58.12 4.17 -3.37
N TRP A 880 -58.66 4.94 -4.31
CA TRP A 880 -60.09 5.18 -4.34
C TRP A 880 -60.87 3.95 -4.76
N LEU A 881 -60.19 2.93 -5.31
CA LEU A 881 -60.83 1.65 -5.58
C LEU A 881 -61.02 0.84 -4.31
N LEU A 882 -60.08 0.93 -3.37
CA LEU A 882 -60.15 0.16 -2.13
C LEU A 882 -60.92 0.90 -1.04
N GLY A 883 -60.46 2.10 -0.69
CA GLY A 883 -61.11 2.87 0.35
C GLY A 883 -61.55 4.25 -0.09
N VAL A 913 -58.02 -1.04 4.83
CA VAL A 913 -57.11 -2.17 4.88
C VAL A 913 -55.79 -1.78 4.21
N PHE A 914 -55.60 -0.49 4.01
CA PHE A 914 -54.36 0.02 3.42
C PHE A 914 -53.15 -0.23 4.30
N TYR A 915 -53.35 -0.54 5.58
CA TYR A 915 -52.23 -0.84 6.45
C TYR A 915 -51.49 -2.10 5.99
N ILE A 916 -52.25 -3.12 5.54
CA ILE A 916 -51.63 -4.32 4.99
C ILE A 916 -50.83 -3.99 3.74
N TYR A 917 -51.38 -3.13 2.88
CA TYR A 917 -50.67 -2.72 1.68
C TYR A 917 -49.38 -1.98 2.03
N VAL A 918 -49.41 -1.15 3.07
CA VAL A 918 -48.22 -0.44 3.50
C VAL A 918 -47.19 -1.42 4.06
N GLY A 919 -47.66 -2.45 4.76
CA GLY A 919 -46.75 -3.40 5.41
C GLY A 919 -45.83 -4.14 4.46
N VAL A 920 -46.16 -4.19 3.18
CA VAL A 920 -45.31 -4.86 2.19
C VAL A 920 -44.61 -3.83 1.32
N ALA A 921 -44.38 -2.64 1.89
CA ALA A 921 -43.70 -1.58 1.13
C ALA A 921 -42.28 -1.99 0.76
N ASP A 922 -41.68 -2.90 1.52
CA ASP A 922 -40.33 -3.34 1.19
C ASP A 922 -40.29 -4.04 -0.17
N THR A 923 -41.28 -4.88 -0.46
CA THR A 923 -41.37 -5.48 -1.78
C THR A 923 -41.94 -4.52 -2.81
N LEU A 924 -42.89 -3.66 -2.41
CA LEU A 924 -43.52 -2.76 -3.37
C LEU A 924 -42.52 -1.75 -3.94
N LEU A 925 -41.61 -1.24 -3.11
CA LEU A 925 -40.64 -0.23 -3.53
C LEU A 925 -39.22 -0.79 -3.52
N ALA A 926 -39.04 -2.01 -3.98
CA ALA A 926 -37.73 -2.65 -4.05
C ALA A 926 -37.15 -2.49 -5.44
N MET A 927 -35.87 -2.15 -5.51
CA MET A 927 -35.21 -1.96 -6.80
C MET A 927 -35.05 -3.30 -7.51
N GLY A 928 -35.50 -3.36 -8.76
CA GLY A 928 -35.37 -4.55 -9.57
C GLY A 928 -34.03 -4.62 -10.26
N PHE A 929 -33.93 -5.53 -11.22
CA PHE A 929 -32.72 -5.66 -12.03
C PHE A 929 -32.74 -4.75 -13.25
N PHE A 930 -33.75 -3.88 -13.35
CA PHE A 930 -33.80 -2.86 -14.40
C PHE A 930 -33.33 -1.49 -13.92
N ARG A 931 -33.34 -1.25 -12.61
CA ARG A 931 -32.93 0.05 -12.07
C ARG A 931 -31.77 -0.04 -11.09
N GLY A 932 -31.32 -1.24 -10.74
CA GLY A 932 -30.17 -1.38 -9.86
C GLY A 932 -28.93 -1.82 -10.60
N LEU A 933 -29.10 -2.71 -11.58
CA LEU A 933 -27.97 -3.17 -12.38
C LEU A 933 -27.30 -2.05 -13.16
N PRO A 934 -28.02 -1.17 -13.88
CA PRO A 934 -27.31 -0.07 -14.56
C PRO A 934 -26.60 0.87 -13.59
N LEU A 935 -27.18 1.12 -12.42
CA LEU A 935 -26.51 1.98 -11.44
C LEU A 935 -25.22 1.35 -10.95
N VAL A 936 -25.27 0.05 -10.64
CA VAL A 936 -24.06 -0.65 -10.22
C VAL A 936 -23.01 -0.62 -11.34
N HIS A 937 -23.45 -0.87 -12.57
CA HIS A 937 -22.51 -0.89 -13.70
C HIS A 937 -21.86 0.48 -13.91
N THR A 938 -22.62 1.56 -13.75
CA THR A 938 -22.05 2.89 -13.92
C THR A 938 -21.11 3.26 -12.80
N LEU A 939 -21.37 2.79 -11.57
CA LEU A 939 -20.56 3.18 -10.43
C LEU A 939 -19.14 2.62 -10.49
N ILE A 940 -18.90 1.59 -11.31
CA ILE A 940 -17.53 1.09 -11.51
C ILE A 940 -16.82 1.85 -12.63
N THR A 941 -17.55 2.21 -13.69
CA THR A 941 -16.97 3.06 -14.72
C THR A 941 -16.52 4.40 -14.16
N VAL A 942 -17.26 4.93 -13.19
CA VAL A 942 -16.83 6.15 -12.52
C VAL A 942 -15.46 5.96 -11.88
N SER A 943 -15.27 4.84 -11.19
CA SER A 943 -13.99 4.55 -10.56
C SER A 943 -12.88 4.39 -11.60
N LYS A 944 -13.19 3.75 -12.73
CA LYS A 944 -12.21 3.60 -13.80
C LYS A 944 -11.73 4.96 -14.28
N ILE A 945 -12.66 5.87 -14.57
CA ILE A 945 -12.28 7.20 -15.05
C ILE A 945 -11.49 7.95 -13.99
N LEU A 946 -11.89 7.83 -12.73
CA LEU A 946 -11.17 8.50 -11.65
C LEU A 946 -9.74 8.02 -11.55
N HIS A 947 -9.53 6.70 -11.60
CA HIS A 947 -8.18 6.17 -11.49
C HIS A 947 -7.33 6.59 -12.68
N HIS A 948 -7.90 6.55 -13.89
CA HIS A 948 -7.12 6.97 -15.06
C HIS A 948 -6.71 8.43 -14.96
N LYS A 949 -7.64 9.31 -14.57
CA LYS A 949 -7.32 10.72 -14.43
C LYS A 949 -6.24 10.94 -13.37
N MET A 950 -6.35 10.23 -12.24
CA MET A 950 -5.36 10.39 -11.18
C MET A 950 -3.98 9.96 -11.63
N LEU A 951 -3.89 8.82 -12.32
CA LEU A 951 -2.59 8.35 -12.80
C LEU A 951 -2.00 9.31 -13.81
N HIS A 952 -2.83 9.83 -14.72
CA HIS A 952 -2.32 10.80 -15.69
C HIS A 952 -1.81 12.06 -15.02
N SER A 953 -2.57 12.57 -14.04
CA SER A 953 -2.15 13.79 -13.35
C SER A 953 -0.89 13.57 -12.52
N VAL A 954 -0.69 12.36 -12.01
CA VAL A 954 0.56 12.06 -11.31
C VAL A 954 1.72 12.00 -12.29
N LEU A 955 1.52 11.35 -13.44
CA LEU A 955 2.61 11.21 -14.40
C LEU A 955 3.01 12.55 -14.99
N GLN A 956 2.09 13.49 -15.14
CA GLN A 956 2.37 14.78 -15.76
C GLN A 956 2.47 15.90 -14.73
N ALA A 957 3.08 15.64 -13.56
CA ALA A 957 3.19 16.62 -12.49
C ALA A 957 4.62 17.15 -12.37
N PRO A 958 4.80 18.38 -11.90
CA PRO A 958 6.15 18.92 -11.74
C PRO A 958 6.93 18.21 -10.66
N MET A 959 8.25 18.22 -10.81
CA MET A 959 9.11 17.49 -9.87
C MET A 959 9.09 18.11 -8.48
N SER A 960 8.93 19.44 -8.39
CA SER A 960 8.86 20.08 -7.08
C SER A 960 7.66 19.56 -6.28
N THR A 961 6.51 19.43 -6.93
CA THR A 961 5.34 18.87 -6.26
C THR A 961 5.51 17.37 -6.02
N LEU A 962 6.13 16.67 -6.97
CA LEU A 962 6.24 15.22 -6.85
C LEU A 962 7.20 14.80 -5.75
N ASN A 963 8.20 15.64 -5.44
CA ASN A 963 9.17 15.28 -4.41
C ASN A 963 8.58 15.32 -3.00
N THR A 964 7.48 16.07 -2.81
CA THR A 964 6.81 16.06 -1.51
C THR A 964 6.25 14.68 -1.18
N LEU A 965 5.74 13.99 -2.19
CA LEU A 965 5.23 12.63 -2.00
C LEU A 965 6.34 11.69 -1.58
N LYS A 966 5.98 10.71 -0.75
CA LYS A 966 6.91 9.69 -0.28
C LYS A 966 6.55 8.34 -0.90
N ALA A 967 7.34 7.33 -0.57
CA ALA A 967 7.10 5.98 -1.05
C ALA A 967 6.02 5.25 -0.26
N GLY A 968 5.64 5.76 0.91
CA GLY A 968 4.56 5.17 1.67
C GLY A 968 3.24 5.89 1.44
N GLY A 969 3.32 7.08 0.85
CA GLY A 969 2.16 7.87 0.51
C GLY A 969 1.59 7.57 -0.86
N ILE A 970 2.07 6.53 -1.52
CA ILE A 970 1.61 6.15 -2.83
C ILE A 970 0.90 4.79 -2.81
N LEU A 971 1.45 3.83 -2.08
CA LEU A 971 0.78 2.55 -1.89
C LEU A 971 -0.41 2.66 -0.96
N ASN A 972 -0.54 3.75 -0.21
CA ASN A 972 -1.71 4.02 0.59
C ASN A 972 -2.81 4.72 -0.19
N ARG A 973 -2.52 5.19 -1.41
CA ARG A 973 -3.48 5.87 -2.24
C ARG A 973 -3.80 5.14 -3.54
N PHE A 974 -2.96 4.17 -3.94
CA PHE A 974 -3.20 3.41 -5.16
C PHE A 974 -3.67 1.99 -4.91
N SER A 975 -3.47 1.45 -3.71
CA SER A 975 -3.76 0.06 -3.40
C SER A 975 -5.05 -0.11 -2.59
N LYS A 976 -5.19 0.62 -1.49
CA LYS A 976 -6.39 0.57 -0.66
C LYS A 976 -7.45 1.56 -1.13
N ASP A 977 -7.03 2.77 -1.51
CA ASP A 977 -7.98 3.83 -1.77
C ASP A 977 -8.77 3.57 -3.05
N ILE A 978 -8.10 3.07 -4.09
CA ILE A 978 -8.80 2.72 -5.33
C ILE A 978 -9.61 1.43 -5.13
N ALA A 979 -9.09 0.49 -4.35
CA ALA A 979 -9.82 -0.74 -4.07
C ALA A 979 -11.13 -0.45 -3.37
N ILE A 980 -11.16 0.56 -2.49
CA ILE A 980 -12.41 0.95 -1.84
C ILE A 980 -13.44 1.36 -2.89
N LEU A 981 -13.05 2.26 -3.80
CA LEU A 981 -13.97 2.74 -4.82
C LEU A 981 -14.42 1.62 -5.75
N ASP A 982 -13.54 0.65 -6.00
CA ASP A 982 -13.92 -0.45 -6.89
C ASP A 982 -14.87 -1.43 -6.21
N ASP A 983 -14.65 -1.72 -4.93
CA ASP A 983 -15.35 -2.82 -4.27
C ASP A 983 -16.52 -2.36 -3.40
N LEU A 984 -16.28 -1.45 -2.46
CA LEU A 984 -17.25 -1.22 -1.38
C LEU A 984 -18.27 -0.14 -1.72
N LEU A 985 -17.87 0.91 -2.43
CA LEU A 985 -18.75 2.05 -2.65
C LEU A 985 -20.01 1.72 -3.44
N PRO A 986 -19.95 0.96 -4.57
CA PRO A 986 -21.18 0.73 -5.35
C PRO A 986 -22.34 0.16 -4.55
N LEU A 987 -22.12 -0.99 -3.91
CA LEU A 987 -23.20 -1.68 -3.23
C LEU A 987 -23.66 -0.94 -1.98
N THR A 988 -22.73 -0.29 -1.26
CA THR A 988 -23.13 0.51 -0.11
C THR A 988 -24.01 1.68 -0.54
N ILE A 989 -23.64 2.36 -1.63
CA ILE A 989 -24.46 3.46 -2.13
C ILE A 989 -25.82 2.95 -2.58
N PHE A 990 -25.85 1.79 -3.25
CA PHE A 990 -27.12 1.23 -3.70
C PHE A 990 -28.02 0.91 -2.51
N ASP A 991 -27.47 0.31 -1.47
CA ASP A 991 -28.28 -0.02 -0.29
C ASP A 991 -28.80 1.23 0.40
N PHE A 992 -27.95 2.26 0.51
CA PHE A 992 -28.40 3.51 1.13
C PHE A 992 -29.52 4.15 0.32
N ILE A 993 -29.40 4.13 -1.01
CA ILE A 993 -30.45 4.69 -1.86
C ILE A 993 -31.74 3.90 -1.70
N GLN A 994 -31.64 2.57 -1.63
CA GLN A 994 -32.82 1.74 -1.43
C GLN A 994 -33.52 2.08 -0.12
N LEU A 995 -32.75 2.24 0.95
CA LEU A 995 -33.35 2.60 2.23
C LEU A 995 -33.99 3.98 2.19
N LEU A 996 -33.35 4.93 1.52
CA LEU A 996 -33.93 6.27 1.39
C LEU A 996 -35.26 6.22 0.66
N LEU A 997 -35.32 5.48 -0.46
CA LEU A 997 -36.57 5.36 -1.20
C LEU A 997 -37.66 4.70 -0.36
N ILE A 998 -37.30 3.62 0.35
CA ILE A 998 -38.28 2.91 1.16
C ILE A 998 -38.84 3.82 2.25
N VAL A 999 -37.98 4.59 2.90
CA VAL A 999 -38.44 5.46 3.97
C VAL A 999 -39.31 6.60 3.42
N ILE A 1000 -38.88 7.23 2.32
CA ILE A 1000 -39.60 8.39 1.83
C ILE A 1000 -40.96 7.99 1.27
N GLY A 1001 -41.00 6.95 0.43
CA GLY A 1001 -42.22 6.55 -0.23
C GLY A 1001 -43.19 5.80 0.64
N ALA A 1002 -42.86 5.63 1.92
CA ALA A 1002 -43.78 5.09 2.91
C ALA A 1002 -44.19 6.11 3.94
N ILE A 1003 -43.29 7.01 4.34
CA ILE A 1003 -43.67 8.12 5.20
C ILE A 1003 -44.65 9.04 4.48
N ALA A 1004 -44.39 9.33 3.21
CA ALA A 1004 -45.31 10.19 2.45
C ALA A 1004 -46.67 9.54 2.32
N VAL A 1005 -46.71 8.22 2.13
CA VAL A 1005 -47.98 7.51 2.04
C VAL A 1005 -48.71 7.54 3.37
N VAL A 1006 -48.01 7.20 4.46
CA VAL A 1006 -48.64 7.11 5.77
C VAL A 1006 -49.06 8.48 6.30
N ALA A 1007 -48.50 9.56 5.75
CA ALA A 1007 -48.96 10.89 6.14
C ALA A 1007 -50.35 11.20 5.64
N VAL A 1008 -50.92 10.38 4.75
CA VAL A 1008 -52.25 10.65 4.21
C VAL A 1008 -53.33 10.13 5.15
N LEU A 1009 -53.27 8.84 5.51
CA LEU A 1009 -54.28 8.25 6.38
C LEU A 1009 -54.26 8.91 7.75
N GLN A 1010 -53.14 8.77 8.46
CA GLN A 1010 -52.99 9.41 9.77
C GLN A 1010 -51.90 10.48 9.66
N PRO A 1011 -52.25 11.77 9.68
CA PRO A 1011 -51.24 12.83 9.66
C PRO A 1011 -50.71 13.21 11.03
N TYR A 1012 -51.20 12.58 12.10
CA TYR A 1012 -50.73 12.88 13.44
C TYR A 1012 -49.50 12.06 13.82
N ILE A 1013 -49.43 10.81 13.39
CA ILE A 1013 -48.24 10.00 13.66
C ILE A 1013 -47.11 10.35 12.72
N PHE A 1014 -47.39 11.03 11.61
CA PHE A 1014 -46.34 11.52 10.75
C PHE A 1014 -45.64 12.73 11.35
N VAL A 1015 -46.34 13.46 12.22
CA VAL A 1015 -45.76 14.66 12.84
C VAL A 1015 -44.53 14.29 13.67
N ALA A 1016 -44.58 13.15 14.36
CA ALA A 1016 -43.50 12.76 15.24
C ALA A 1016 -42.19 12.50 14.48
N THR A 1017 -42.27 12.13 13.20
CA THR A 1017 -41.06 11.77 12.46
C THR A 1017 -40.27 12.97 11.97
N VAL A 1018 -40.83 14.17 12.05
CA VAL A 1018 -40.11 15.38 11.60
C VAL A 1018 -39.06 15.79 12.62
N PRO A 1019 -39.39 16.00 13.90
CA PRO A 1019 -38.33 16.34 14.87
C PRO A 1019 -37.28 15.25 14.99
N VAL A 1020 -37.66 13.98 14.86
CA VAL A 1020 -36.70 12.89 14.93
C VAL A 1020 -35.69 13.02 13.79
N ILE A 1021 -36.17 13.29 12.58
CA ILE A 1021 -35.28 13.41 11.43
C ILE A 1021 -34.38 14.63 11.57
N VAL A 1022 -34.94 15.76 12.02
CA VAL A 1022 -34.11 16.96 12.13
C VAL A 1022 -33.06 16.80 13.23
N ALA A 1023 -33.40 16.11 14.32
CA ALA A 1023 -32.42 15.86 15.36
C ALA A 1023 -31.34 14.90 14.88
N PHE A 1024 -31.74 13.87 14.12
CA PHE A 1024 -30.77 12.93 13.58
C PHE A 1024 -29.79 13.64 12.66
N ILE A 1025 -30.28 14.48 11.75
CA ILE A 1025 -29.39 15.13 10.81
C ILE A 1025 -28.48 16.12 11.53
N MET A 1026 -29.02 16.87 12.50
CA MET A 1026 -28.18 17.81 13.24
C MET A 1026 -27.09 17.09 14.03
N LEU A 1027 -27.45 16.01 14.72
CA LEU A 1027 -26.48 15.27 15.52
C LEU A 1027 -25.43 14.61 14.63
N ARG A 1028 -25.85 14.05 13.49
CA ARG A 1028 -24.89 13.42 12.58
C ARG A 1028 -23.93 14.45 12.01
N ALA A 1029 -24.43 15.63 11.63
CA ALA A 1029 -23.55 16.68 11.14
C ALA A 1029 -22.64 17.21 12.25
N TYR A 1030 -23.08 17.14 13.51
CA TYR A 1030 -22.23 17.55 14.62
C TYR A 1030 -21.10 16.56 14.86
N PHE A 1031 -21.39 15.27 14.77
CA PHE A 1031 -20.38 14.25 15.00
C PHE A 1031 -19.44 14.08 13.82
N LEU A 1032 -19.92 14.40 12.61
CA LEU A 1032 -19.05 14.33 11.44
C LEU A 1032 -17.92 15.33 11.54
N GLN A 1033 -18.11 16.42 12.27
CA GLN A 1033 -17.07 17.43 12.43
C GLN A 1033 -15.81 16.86 13.06
N THR A 1034 -15.92 15.77 13.82
CA THR A 1034 -14.75 15.09 14.36
C THR A 1034 -14.44 13.79 13.62
N SER A 1035 -15.46 13.10 13.10
CA SER A 1035 -15.19 11.88 12.34
C SER A 1035 -14.62 12.15 10.96
N GLN A 1036 -14.60 13.39 10.49
CA GLN A 1036 -13.99 13.73 9.22
C GLN A 1036 -12.57 14.28 9.38
N GLN A 1037 -12.09 14.42 10.61
CA GLN A 1037 -10.71 14.78 10.86
C GLN A 1037 -9.95 13.73 11.66
N LEU A 1038 -10.64 12.80 12.31
CA LEU A 1038 -9.94 11.68 12.93
C LEU A 1038 -9.83 10.49 11.99
N LYS A 1039 -10.85 10.26 11.16
CA LYS A 1039 -10.78 9.18 10.17
C LYS A 1039 -9.69 9.45 9.16
N GLN A 1040 -9.55 10.70 8.69
CA GLN A 1040 -8.47 11.03 7.79
C GLN A 1040 -7.12 10.90 8.47
N LEU A 1041 -7.04 11.28 9.75
CA LEU A 1041 -5.79 11.14 10.50
C LEU A 1041 -5.35 9.68 10.55
N GLU A 1042 -6.28 8.78 10.87
CA GLU A 1042 -5.92 7.37 10.95
C GLU A 1042 -5.73 6.73 9.58
N SER A 1043 -6.37 7.29 8.54
CA SER A 1043 -6.17 6.78 7.19
C SER A 1043 -4.81 7.17 6.64
N GLU A 1044 -4.30 8.33 7.04
CA GLU A 1044 -2.96 8.74 6.64
C GLU A 1044 -1.88 8.25 7.59
N GLY A 1045 -2.27 7.81 8.79
CA GLY A 1045 -1.32 7.29 9.77
C GLY A 1045 -0.92 5.84 9.57
N ARG A 1046 -1.49 5.17 8.58
CA ARG A 1046 -1.13 3.79 8.25
C ARG A 1046 -0.04 3.71 7.20
N SER A 1047 0.47 4.85 6.76
CA SER A 1047 1.59 4.95 5.81
C SER A 1047 2.95 4.67 6.45
N PRO A 1048 3.19 5.06 7.71
CA PRO A 1048 4.49 4.72 8.32
C PRO A 1048 4.83 3.24 8.30
N ILE A 1049 3.87 2.36 8.59
CA ILE A 1049 4.18 0.93 8.60
C ILE A 1049 4.54 0.45 7.21
N PHE A 1050 3.82 0.93 6.18
CA PHE A 1050 4.13 0.56 4.81
C PHE A 1050 5.52 1.04 4.42
N THR A 1051 5.84 2.30 4.75
CA THR A 1051 7.12 2.87 4.33
C THR A 1051 8.29 2.33 5.14
N HIS A 1052 8.03 1.73 6.30
CA HIS A 1052 9.10 1.06 7.02
C HIS A 1052 9.26 -0.39 6.54
N LEU A 1053 8.16 -1.07 6.23
CA LEU A 1053 8.26 -2.41 5.68
C LEU A 1053 8.99 -2.41 4.34
N VAL A 1054 8.72 -1.41 3.51
CA VAL A 1054 9.37 -1.34 2.20
C VAL A 1054 10.88 -1.21 2.35
N THR A 1055 11.33 -0.30 3.21
CA THR A 1055 12.77 -0.10 3.35
C THR A 1055 13.44 -1.26 4.08
N SER A 1056 12.74 -1.89 5.03
CA SER A 1056 13.30 -3.06 5.70
C SER A 1056 13.44 -4.23 4.74
N LEU A 1057 12.52 -4.36 3.78
CA LEU A 1057 12.68 -5.36 2.73
C LEU A 1057 13.81 -5.00 1.78
N LYS A 1058 13.98 -3.71 1.50
CA LYS A 1058 15.05 -3.27 0.61
C LYS A 1058 16.42 -3.53 1.21
N GLY A 1059 16.60 -3.28 2.50
CA GLY A 1059 17.90 -3.45 3.14
C GLY A 1059 18.07 -4.75 3.87
N LEU A 1060 17.39 -5.80 3.41
CA LEU A 1060 17.38 -7.08 4.10
C LEU A 1060 18.75 -7.75 4.11
N TRP A 1061 19.63 -7.39 3.18
CA TRP A 1061 20.94 -8.01 3.09
C TRP A 1061 22.03 -7.26 3.85
N THR A 1062 21.85 -5.96 4.07
CA THR A 1062 22.73 -5.21 4.96
C THR A 1062 22.20 -5.14 6.39
N LEU A 1063 20.99 -5.67 6.64
CA LEU A 1063 20.52 -5.82 8.01
C LEU A 1063 21.09 -7.09 8.66
N ARG A 1064 20.92 -8.23 7.98
CA ARG A 1064 21.33 -9.50 8.58
C ARG A 1064 22.85 -9.61 8.69
N ALA A 1065 23.59 -9.04 7.74
CA ALA A 1065 25.05 -9.05 7.84
C ALA A 1065 25.53 -8.24 9.03
N PHE A 1066 24.91 -7.08 9.27
CA PHE A 1066 25.31 -6.24 10.40
C PHE A 1066 24.88 -6.85 11.73
N GLY A 1067 23.64 -7.32 11.81
CA GLY A 1067 23.08 -7.85 13.03
C GLY A 1067 22.08 -6.95 13.74
N ARG A 1068 21.59 -5.90 13.09
CA ARG A 1068 20.69 -4.94 13.73
C ARG A 1068 19.23 -5.26 13.41
N GLN A 1069 18.79 -6.45 13.81
CA GLN A 1069 17.40 -6.86 13.65
C GLN A 1069 16.49 -6.34 14.77
N PRO A 1070 16.87 -6.45 16.05
CA PRO A 1070 15.98 -5.94 17.11
C PRO A 1070 15.69 -4.46 17.02
N TYR A 1071 16.64 -3.66 16.51
CA TYR A 1071 16.41 -2.23 16.38
C TYR A 1071 15.27 -1.96 15.40
N PHE A 1072 15.26 -2.65 14.26
CA PHE A 1072 14.16 -2.53 13.31
C PHE A 1072 12.87 -3.09 13.87
N GLU A 1073 12.95 -4.17 14.67
CA GLU A 1073 11.76 -4.70 15.31
C GLU A 1073 11.13 -3.66 16.23
N THR A 1074 11.94 -2.98 17.02
CA THR A 1074 11.43 -1.94 17.91
C THR A 1074 10.83 -0.78 17.12
N LEU A 1075 11.47 -0.41 16.00
CA LEU A 1075 10.90 0.64 15.15
C LEU A 1075 9.52 0.25 14.65
N PHE A 1076 9.38 -1.00 14.17
CA PHE A 1076 8.09 -1.44 13.67
C PHE A 1076 7.05 -1.49 14.79
N HIS A 1077 7.45 -1.90 15.99
CA HIS A 1077 6.53 -1.89 17.12
C HIS A 1077 6.04 -0.48 17.41
N LYS A 1078 6.95 0.50 17.35
CA LYS A 1078 6.55 1.89 17.56
C LYS A 1078 5.54 2.34 16.51
N ALA A 1079 5.79 2.00 15.24
CA ALA A 1079 4.85 2.39 14.19
C ALA A 1079 3.48 1.74 14.39
N LEU A 1080 3.46 0.46 14.76
CA LEU A 1080 2.19 -0.22 15.02
C LEU A 1080 1.45 0.41 16.19
N ASN A 1081 2.18 0.78 17.24
CA ASN A 1081 1.55 1.44 18.38
C ASN A 1081 0.94 2.77 17.96
N LEU A 1082 1.64 3.53 17.13
CA LEU A 1082 1.08 4.80 16.65
C LEU A 1082 -0.21 4.57 15.88
N HIS A 1083 -0.21 3.58 14.98
CA HIS A 1083 -1.41 3.32 14.19
C HIS A 1083 -2.58 2.88 15.07
N THR A 1084 -2.33 2.01 16.06
CA THR A 1084 -3.40 1.56 16.93
C THR A 1084 -3.93 2.69 17.82
N ALA A 1085 -3.04 3.58 18.26
CA ALA A 1085 -3.48 4.74 19.02
C ALA A 1085 -4.37 5.64 18.17
N ASN A 1086 -4.06 5.78 16.88
CA ASN A 1086 -4.94 6.53 16.01
C ASN A 1086 -6.26 5.82 15.75
N TRP A 1087 -6.26 4.48 15.76
CA TRP A 1087 -7.44 3.72 15.36
C TRP A 1087 -8.46 3.59 16.50
N PHE A 1088 -7.99 3.39 17.73
CA PHE A 1088 -8.89 3.11 18.84
C PHE A 1088 -9.84 4.27 19.09
N LEU A 1089 -9.35 5.51 18.93
CA LEU A 1089 -10.18 6.68 19.20
C LEU A 1089 -11.39 6.72 18.27
N TYR A 1090 -11.19 6.48 16.98
CA TYR A 1090 -12.32 6.44 16.06
C TYR A 1090 -13.23 5.25 16.35
N LEU A 1091 -12.63 4.08 16.62
CA LEU A 1091 -13.44 2.89 16.91
C LEU A 1091 -14.31 3.10 18.14
N SER A 1092 -13.92 4.00 19.04
CA SER A 1092 -14.73 4.30 20.21
C SER A 1092 -15.72 5.43 19.98
N THR A 1093 -15.32 6.49 19.27
CA THR A 1093 -16.22 7.62 19.09
C THR A 1093 -17.37 7.31 18.15
N LEU A 1094 -17.14 6.44 17.15
CA LEU A 1094 -18.25 6.05 16.30
C LEU A 1094 -19.26 5.22 17.08
N ARG A 1095 -18.79 4.36 17.98
CA ARG A 1095 -19.69 3.61 18.84
C ARG A 1095 -20.46 4.54 19.78
N TRP A 1096 -19.78 5.56 20.30
CA TRP A 1096 -20.47 6.53 21.15
C TRP A 1096 -21.60 7.20 20.39
N PHE A 1097 -21.33 7.64 19.17
CA PHE A 1097 -22.35 8.36 18.40
C PHE A 1097 -23.49 7.44 17.99
N GLN A 1098 -23.18 6.19 17.64
CA GLN A 1098 -24.23 5.23 17.33
C GLN A 1098 -25.11 4.95 18.54
N MET A 1099 -24.49 4.79 19.72
CA MET A 1099 -25.28 4.55 20.92
C MET A 1099 -26.11 5.76 21.31
N ARG A 1100 -25.61 6.97 21.07
CA ARG A 1100 -26.41 8.16 21.35
C ARG A 1100 -27.57 8.30 20.37
N ILE A 1101 -27.37 7.90 19.11
CA ILE A 1101 -28.50 7.81 18.20
C ILE A 1101 -29.53 6.81 18.71
N GLU A 1102 -29.07 5.66 19.20
CA GLU A 1102 -30.00 4.68 19.75
C GLU A 1102 -30.75 5.25 20.95
N MET A 1103 -30.05 6.03 21.79
CA MET A 1103 -30.68 6.61 22.97
C MET A 1103 -31.71 7.68 22.59
N ILE A 1104 -31.41 8.52 21.60
CA ILE A 1104 -32.41 9.51 21.19
C ILE A 1104 -33.58 8.80 20.52
N PHE A 1105 -33.32 7.70 19.81
CA PHE A 1105 -34.40 6.88 19.27
C PHE A 1105 -35.33 6.43 20.39
N VAL A 1106 -34.77 5.82 21.44
CA VAL A 1106 -35.63 5.30 22.50
C VAL A 1106 -36.29 6.43 23.28
N ILE A 1107 -35.63 7.60 23.36
CA ILE A 1107 -36.22 8.73 24.07
C ILE A 1107 -37.41 9.29 23.31
N PHE A 1108 -37.32 9.37 21.98
CA PHE A 1108 -38.46 9.81 21.19
C PHE A 1108 -39.47 8.69 20.94
N PHE A 1109 -39.13 7.45 21.30
CA PHE A 1109 -40.05 6.33 21.17
C PHE A 1109 -40.80 6.01 22.45
N ILE A 1110 -40.28 6.43 23.61
CA ILE A 1110 -40.99 6.26 24.87
C ILE A 1110 -42.30 7.02 24.89
N ALA A 1111 -42.46 8.02 24.04
CA ALA A 1111 -43.67 8.84 24.04
C ALA A 1111 -44.67 8.42 22.97
N VAL A 1112 -44.19 8.04 21.78
CA VAL A 1112 -45.07 7.85 20.63
C VAL A 1112 -46.14 6.82 20.93
N THR A 1113 -45.75 5.69 21.52
CA THR A 1113 -46.74 4.66 21.87
C THR A 1113 -47.38 4.92 23.23
N PHE A 1114 -46.62 5.39 24.21
CA PHE A 1114 -47.14 5.51 25.57
C PHE A 1114 -48.26 6.54 25.63
N ILE A 1115 -48.06 7.73 25.05
CA ILE A 1115 -49.08 8.76 25.12
C ILE A 1115 -50.29 8.36 24.28
N SER A 1116 -50.05 7.72 23.14
CA SER A 1116 -51.16 7.33 22.27
C SER A 1116 -51.99 6.20 22.85
N ILE A 1117 -51.39 5.35 23.68
CA ILE A 1117 -52.10 4.19 24.21
C ILE A 1117 -52.73 4.50 25.56
N LEU A 1118 -52.02 5.21 26.43
CA LEU A 1118 -52.54 5.55 27.75
C LEU A 1118 -53.65 6.59 27.64
N VAL A 1127 -56.31 3.55 16.81
CA VAL A 1127 -56.21 2.17 16.34
C VAL A 1127 -54.97 1.52 16.95
N GLY A 1128 -55.12 0.27 17.37
CA GLY A 1128 -54.01 -0.45 17.98
C GLY A 1128 -52.99 -1.00 17.01
N ILE A 1129 -53.24 -0.88 15.71
CA ILE A 1129 -52.31 -1.40 14.70
C ILE A 1129 -51.45 -0.31 14.07
N ILE A 1130 -51.67 0.97 14.40
CA ILE A 1130 -50.76 2.01 13.96
C ILE A 1130 -49.39 1.86 14.63
N LEU A 1131 -49.35 1.18 15.78
CA LEU A 1131 -48.11 0.97 16.49
C LEU A 1131 -47.14 0.12 15.69
N THR A 1132 -47.64 -0.92 15.02
CA THR A 1132 -46.74 -1.78 14.23
C THR A 1132 -46.17 -1.02 13.05
N LEU A 1133 -46.93 -0.12 12.44
CA LEU A 1133 -46.38 0.69 11.35
C LEU A 1133 -45.36 1.70 11.87
N ALA A 1134 -45.62 2.31 13.03
CA ALA A 1134 -44.65 3.26 13.58
C ALA A 1134 -43.35 2.54 13.95
N MET A 1135 -43.45 1.31 14.44
CA MET A 1135 -42.24 0.56 14.78
C MET A 1135 -41.54 0.00 13.55
N ASN A 1136 -42.28 -0.31 12.49
CA ASN A 1136 -41.66 -0.74 11.23
C ASN A 1136 -41.05 0.41 10.46
N ILE A 1137 -41.36 1.66 10.81
CA ILE A 1137 -40.77 2.82 10.17
C ILE A 1137 -39.61 3.38 11.00
N MET A 1138 -39.73 3.39 12.32
CA MET A 1138 -38.68 3.91 13.18
C MET A 1138 -37.43 3.04 13.20
N SER A 1139 -37.50 1.81 12.69
CA SER A 1139 -36.31 0.98 12.57
C SER A 1139 -35.66 1.13 11.20
N THR A 1140 -36.48 1.26 10.15
CA THR A 1140 -35.93 1.54 8.83
C THR A 1140 -35.23 2.88 8.81
N LEU A 1141 -35.75 3.87 9.56
CA LEU A 1141 -35.06 5.15 9.66
C LEU A 1141 -33.66 5.00 10.25
N GLN A 1142 -33.54 4.21 11.33
CA GLN A 1142 -32.24 4.01 11.95
C GLN A 1142 -31.29 3.25 11.03
N TRP A 1143 -31.81 2.25 10.31
CA TRP A 1143 -30.96 1.52 9.37
C TRP A 1143 -30.47 2.44 8.25
N ALA A 1144 -31.35 3.30 7.75
CA ALA A 1144 -30.94 4.27 6.72
C ALA A 1144 -29.91 5.24 7.27
N VAL A 1145 -30.05 5.65 8.54
CA VAL A 1145 -29.07 6.54 9.14
C VAL A 1145 -27.70 5.87 9.22
N ASN A 1146 -27.68 4.60 9.63
CA ASN A 1146 -26.40 3.88 9.69
C ASN A 1146 -25.78 3.74 8.31
N SER A 1147 -26.60 3.45 7.28
CA SER A 1147 -26.07 3.35 5.93
C SER A 1147 -25.52 4.68 5.45
N SER A 1148 -26.19 5.78 5.80
CA SER A 1148 -25.69 7.11 5.44
C SER A 1148 -24.36 7.39 6.11
N ILE A 1149 -24.22 7.00 7.38
CA ILE A 1149 -22.94 7.17 8.08
C ILE A 1149 -21.85 6.38 7.38
N ASP A 1150 -22.16 5.14 6.97
CA ASP A 1150 -21.17 4.33 6.26
C ASP A 1150 -20.75 4.98 4.95
N VAL A 1151 -21.71 5.50 4.19
CA VAL A 1151 -21.39 6.16 2.92
C VAL A 1151 -20.53 7.39 3.15
N ASP A 1152 -20.86 8.18 4.16
CA ASP A 1152 -20.08 9.38 4.46
C ASP A 1152 -18.67 9.02 4.89
N SER A 1153 -18.51 7.93 5.64
CA SER A 1153 -17.17 7.49 6.03
C SER A 1153 -16.39 7.01 4.81
N LEU A 1154 -17.05 6.34 3.87
CA LEU A 1154 -16.34 5.81 2.71
C LEU A 1154 -15.99 6.88 1.69
N MET A 1155 -16.73 7.99 1.64
CA MET A 1155 -16.47 9.00 0.62
C MET A 1155 -15.18 9.78 0.87
N ARG A 1156 -14.53 9.61 2.02
CA ARG A 1156 -13.23 10.24 2.24
C ARG A 1156 -12.20 9.73 1.23
N SER A 1157 -12.34 8.48 0.77
CA SER A 1157 -11.46 7.96 -0.26
C SER A 1157 -11.61 8.74 -1.56
N VAL A 1158 -12.85 9.04 -1.95
CA VAL A 1158 -13.08 9.86 -3.14
C VAL A 1158 -12.51 11.26 -2.93
N SER A 1159 -12.66 11.79 -1.71
CA SER A 1159 -12.11 13.11 -1.42
C SER A 1159 -10.59 13.13 -1.61
N ARG A 1160 -9.91 12.08 -1.13
CA ARG A 1160 -8.46 12.01 -1.28
C ARG A 1160 -8.06 11.78 -2.74
N VAL A 1161 -8.85 11.00 -3.49
CA VAL A 1161 -8.60 10.86 -4.92
C VAL A 1161 -8.64 12.22 -5.61
N PHE A 1162 -9.65 13.03 -5.29
CA PHE A 1162 -9.77 14.33 -5.94
C PHE A 1162 -8.67 15.28 -5.49
N LYS A 1163 -8.28 15.20 -4.21
CA LYS A 1163 -7.12 15.97 -3.74
C LYS A 1163 -5.87 15.59 -4.51
N PHE A 1164 -5.69 14.30 -4.79
CA PHE A 1164 -4.50 13.83 -5.49
C PHE A 1164 -4.54 14.18 -6.97
N ILE A 1165 -5.73 14.23 -7.55
CA ILE A 1165 -5.87 14.65 -8.95
C ILE A 1165 -5.58 16.14 -9.10
N ASP A 1166 -6.13 16.96 -8.20
CA ASP A 1166 -6.00 18.42 -8.32
C ASP A 1166 -4.59 18.83 -7.93
N MET A 1167 -3.69 18.72 -8.91
CA MET A 1167 -2.28 19.04 -8.74
C MET A 1167 -1.80 19.81 -9.95
N PRO A 1168 -0.77 20.65 -9.81
CA PRO A 1168 -0.31 21.45 -10.94
C PRO A 1168 0.24 20.60 -12.05
N THR A 1169 0.21 21.15 -13.26
CA THR A 1169 0.75 20.51 -14.45
C THR A 1169 1.96 21.30 -14.93
N GLU A 1170 3.10 20.63 -15.06
CA GLU A 1170 4.33 21.30 -15.47
C GLU A 1170 4.35 21.65 -16.95
N GLY A 1171 3.59 20.93 -17.77
CA GLY A 1171 3.59 21.15 -19.21
C GLY A 1171 3.19 22.55 -19.63
N ILE A 1201 13.54 19.10 -40.49
CA ILE A 1201 13.97 18.57 -39.20
C ILE A 1201 14.64 19.67 -38.39
N TRP A 1202 14.20 19.83 -37.15
CA TRP A 1202 14.74 20.86 -36.27
C TRP A 1202 16.13 20.49 -35.76
N PRO A 1203 16.32 19.38 -35.03
CA PRO A 1203 17.66 19.14 -34.48
C PRO A 1203 18.63 18.59 -35.52
N SER A 1204 19.17 19.50 -36.33
CA SER A 1204 20.08 19.11 -37.41
C SER A 1204 21.54 19.18 -36.96
N GLY A 1205 21.99 20.36 -36.53
CA GLY A 1205 23.37 20.53 -36.12
C GLY A 1205 23.63 20.13 -34.69
N GLY A 1206 22.90 20.76 -33.76
CA GLY A 1206 23.07 20.45 -32.36
C GLY A 1206 24.03 21.38 -31.65
N GLN A 1207 23.87 22.68 -31.82
CA GLN A 1207 24.68 23.67 -31.13
C GLN A 1207 23.86 24.31 -30.01
N MET A 1208 24.53 24.64 -28.92
CA MET A 1208 23.85 25.05 -27.69
C MET A 1208 24.23 26.48 -27.34
N THR A 1209 23.46 27.09 -26.45
CA THR A 1209 23.72 28.44 -25.98
C THR A 1209 22.92 28.68 -24.71
N VAL A 1210 23.59 29.08 -23.64
CA VAL A 1210 22.97 29.32 -22.35
C VAL A 1210 23.25 30.75 -21.92
N LYS A 1211 22.24 31.39 -21.33
CA LYS A 1211 22.36 32.79 -20.89
C LYS A 1211 21.64 32.93 -19.55
N ASP A 1212 22.40 33.23 -18.50
CA ASP A 1212 21.84 33.53 -17.18
C ASP A 1212 20.94 32.41 -16.68
N LEU A 1213 21.53 31.24 -16.49
CA LEU A 1213 20.81 30.06 -16.02
C LEU A 1213 20.99 29.92 -14.51
N THR A 1214 19.88 29.73 -13.80
CA THR A 1214 19.89 29.50 -12.35
C THR A 1214 19.07 28.26 -12.06
N ALA A 1215 19.68 27.29 -11.37
CA ALA A 1215 19.02 26.03 -11.07
C ALA A 1215 18.84 25.92 -9.56
N LYS A 1216 17.62 25.61 -9.13
CA LYS A 1216 17.32 25.39 -7.72
C LYS A 1216 16.24 24.32 -7.63
N TYR A 1217 16.53 23.27 -6.86
CA TYR A 1217 15.60 22.15 -6.77
C TYR A 1217 14.29 22.53 -6.11
N THR A 1218 14.32 23.53 -5.22
CA THR A 1218 13.13 24.02 -4.54
C THR A 1218 12.93 25.50 -4.90
N GLU A 1219 11.95 26.12 -4.25
CA GLU A 1219 11.70 27.55 -4.42
C GLU A 1219 12.26 28.29 -3.22
N GLY A 1220 13.15 29.25 -3.48
CA GLY A 1220 13.79 30.00 -2.43
C GLY A 1220 14.93 29.30 -1.73
N GLY A 1221 15.29 28.10 -2.16
CA GLY A 1221 16.38 27.36 -1.55
C GLY A 1221 17.73 27.79 -2.09
N ASN A 1222 18.75 27.01 -1.75
CA ASN A 1222 20.10 27.29 -2.18
C ASN A 1222 20.20 27.14 -3.70
N ALA A 1223 20.78 28.15 -4.36
CA ALA A 1223 20.92 28.14 -5.81
C ALA A 1223 22.15 27.32 -6.19
N ILE A 1224 21.92 26.12 -6.71
CA ILE A 1224 23.04 25.24 -7.05
C ILE A 1224 23.88 25.85 -8.17
N LEU A 1225 23.22 26.42 -9.18
CA LEU A 1225 23.90 27.12 -10.26
C LEU A 1225 23.45 28.57 -10.27
N GLU A 1226 24.40 29.49 -10.46
CA GLU A 1226 24.13 30.92 -10.41
C GLU A 1226 24.77 31.59 -11.63
N ASN A 1227 23.94 32.12 -12.52
CA ASN A 1227 24.39 32.86 -13.69
C ASN A 1227 25.35 32.03 -14.55
N ILE A 1228 24.82 30.93 -15.07
CA ILE A 1228 25.60 30.03 -15.91
C ILE A 1228 25.58 30.55 -17.35
N SER A 1229 26.72 30.50 -18.02
CA SER A 1229 26.78 30.91 -19.41
C SER A 1229 27.93 30.20 -20.11
N PHE A 1230 27.64 29.62 -21.27
CA PHE A 1230 28.65 28.97 -22.11
C PHE A 1230 28.01 28.71 -23.47
N SER A 1231 28.82 28.19 -24.40
CA SER A 1231 28.37 27.86 -25.73
C SER A 1231 29.09 26.60 -26.20
N ILE A 1232 28.45 25.89 -27.13
CA ILE A 1232 28.99 24.64 -27.65
C ILE A 1232 28.96 24.71 -29.17
N SER A 1233 30.13 24.59 -29.79
CA SER A 1233 30.19 24.48 -31.25
C SER A 1233 29.48 23.20 -31.69
N PRO A 1234 28.77 23.22 -32.82
CA PRO A 1234 28.01 22.03 -33.20
C PRO A 1234 28.91 20.90 -33.67
N GLY A 1235 28.52 19.68 -33.32
CA GLY A 1235 29.32 18.51 -33.61
C GLY A 1235 30.56 18.36 -32.77
N GLN A 1236 30.57 18.96 -31.58
CA GLN A 1236 31.74 18.98 -30.72
C GLN A 1236 31.44 18.29 -29.40
N ARG A 1237 32.29 17.34 -29.02
CA ARG A 1237 32.15 16.68 -27.73
C ARG A 1237 32.53 17.64 -26.60
N VAL A 1238 31.82 17.54 -25.48
CA VAL A 1238 32.07 18.35 -24.31
C VAL A 1238 32.18 17.44 -23.11
N GLY A 1239 33.23 17.63 -22.30
CA GLY A 1239 33.43 16.78 -21.14
C GLY A 1239 33.29 17.52 -19.82
N LEU A 1240 32.29 17.15 -19.04
CA LEU A 1240 32.08 17.78 -17.75
C LEU A 1240 33.13 17.29 -16.75
N LEU A 1241 33.34 18.08 -15.71
CA LEU A 1241 34.34 17.75 -14.69
C LEU A 1241 34.01 18.50 -13.41
N GLY A 1242 34.59 18.04 -12.32
CA GLY A 1242 34.41 18.66 -11.02
C GLY A 1242 34.52 17.64 -9.92
N ARG A 1243 34.29 18.12 -8.69
CA ARG A 1243 34.35 17.28 -7.51
C ARG A 1243 32.95 16.78 -7.14
N THR A 1244 32.89 15.95 -6.10
CA THR A 1244 31.61 15.42 -5.63
C THR A 1244 30.80 16.52 -4.98
N GLY A 1245 29.52 16.62 -5.33
CA GLY A 1245 28.67 17.68 -4.85
C GLY A 1245 28.75 18.98 -5.64
N SER A 1246 29.38 18.97 -6.81
CA SER A 1246 29.52 20.20 -7.59
C SER A 1246 28.19 20.60 -8.22
N GLY A 1247 27.47 19.64 -8.81
CA GLY A 1247 26.23 19.96 -9.48
C GLY A 1247 26.18 19.55 -10.94
N LYS A 1248 26.95 18.52 -11.31
CA LYS A 1248 26.94 18.03 -12.70
C LYS A 1248 25.56 17.51 -13.07
N SER A 1249 25.01 16.62 -12.26
CA SER A 1249 23.67 16.12 -12.50
C SER A 1249 22.64 17.24 -12.42
N THR A 1250 22.89 18.26 -11.59
CA THR A 1250 22.01 19.42 -11.54
C THR A 1250 21.99 20.14 -12.88
N LEU A 1251 23.17 20.34 -13.49
CA LEU A 1251 23.23 20.97 -14.81
C LEU A 1251 22.54 20.11 -15.86
N LEU A 1252 22.77 18.79 -15.81
CA LEU A 1252 22.15 17.91 -16.79
C LEU A 1252 20.63 17.91 -16.67
N SER A 1253 20.11 17.97 -15.44
CA SER A 1253 18.67 18.07 -15.25
C SER A 1253 18.14 19.42 -15.69
N ALA A 1254 18.88 20.49 -15.43
CA ALA A 1254 18.46 21.82 -15.86
C ALA A 1254 18.41 21.92 -17.38
N PHE A 1255 19.22 21.13 -18.08
CA PHE A 1255 19.13 21.07 -19.54
C PHE A 1255 17.75 20.59 -19.97
N LEU A 1256 17.21 19.58 -19.30
CA LEU A 1256 15.90 19.03 -19.63
C LEU A 1256 14.75 19.73 -18.90
N ARG A 1257 15.06 20.70 -18.04
CA ARG A 1257 14.05 21.52 -17.35
C ARG A 1257 13.23 20.72 -16.35
N LEU A 1258 13.81 19.69 -15.73
CA LEU A 1258 13.09 18.96 -14.69
C LEU A 1258 12.86 19.84 -13.48
N LEU A 1259 13.85 20.62 -13.08
CA LEU A 1259 13.74 21.54 -11.97
C LEU A 1259 13.49 22.95 -12.49
N ASN A 1260 12.95 23.80 -11.63
CA ASN A 1260 12.63 25.16 -12.03
C ASN A 1260 13.90 25.94 -12.32
N THR A 1261 13.91 26.68 -13.43
CA THR A 1261 15.08 27.39 -13.91
C THR A 1261 14.69 28.83 -14.23
N GLU A 1262 15.72 29.66 -14.44
CA GLU A 1262 15.52 31.09 -14.69
C GLU A 1262 16.39 31.55 -15.85
N GLY A 1263 16.49 30.75 -16.91
CA GLY A 1263 17.32 31.11 -18.04
C GLY A 1263 16.74 30.70 -19.38
N GLU A 1264 17.55 30.80 -20.43
CA GLU A 1264 17.11 30.42 -21.78
C GLU A 1264 18.20 29.61 -22.46
N ILE A 1265 17.80 28.47 -23.04
CA ILE A 1265 18.70 27.60 -23.78
C ILE A 1265 18.11 27.38 -25.16
N GLN A 1266 18.90 27.61 -26.20
CA GLN A 1266 18.41 27.52 -27.57
C GLN A 1266 19.34 26.65 -28.40
N ILE A 1267 18.76 25.70 -29.14
CA ILE A 1267 19.47 24.88 -30.11
C ILE A 1267 19.00 25.26 -31.49
N ASP A 1268 19.94 25.61 -32.37
CA ASP A 1268 19.68 25.89 -33.78
C ASP A 1268 18.74 27.07 -33.98
N GLY A 1269 18.64 27.97 -33.02
CA GLY A 1269 17.92 29.21 -33.19
C GLY A 1269 16.51 29.27 -32.63
N VAL A 1270 16.08 28.27 -31.86
CA VAL A 1270 14.77 28.29 -31.24
C VAL A 1270 14.94 28.25 -29.72
N SER A 1271 14.30 29.18 -29.03
CA SER A 1271 14.49 29.34 -27.60
C SER A 1271 13.65 28.30 -26.83
N TRP A 1272 13.54 28.50 -25.52
CA TRP A 1272 12.75 27.58 -24.69
C TRP A 1272 11.25 27.77 -24.92
N ASP A 1273 10.80 29.01 -25.04
CA ASP A 1273 9.38 29.30 -25.04
C ASP A 1273 8.71 28.96 -26.36
N SER A 1274 9.45 28.98 -27.47
CA SER A 1274 8.83 28.80 -28.78
C SER A 1274 8.28 27.40 -28.99
N ILE A 1275 8.71 26.42 -28.21
CA ILE A 1275 8.25 25.04 -28.37
C ILE A 1275 7.78 24.50 -27.03
N THR A 1276 6.92 23.49 -27.10
CA THR A 1276 6.38 22.87 -25.89
C THR A 1276 7.45 22.02 -25.21
N LEU A 1277 7.20 21.72 -23.94
CA LEU A 1277 8.16 20.95 -23.16
C LEU A 1277 8.32 19.53 -23.71
N GLN A 1278 7.21 18.89 -24.07
CA GLN A 1278 7.27 17.51 -24.55
C GLN A 1278 8.05 17.41 -25.85
N GLN A 1279 7.84 18.35 -26.77
CA GLN A 1279 8.58 18.32 -28.02
C GLN A 1279 10.03 18.76 -27.83
N TRP A 1280 10.28 19.66 -26.90
CA TRP A 1280 11.65 20.08 -26.62
C TRP A 1280 12.48 18.93 -26.05
N ARG A 1281 11.91 18.19 -25.09
CA ARG A 1281 12.66 17.16 -24.39
C ARG A 1281 13.02 15.97 -25.27
N LYS A 1282 12.42 15.85 -26.45
CA LYS A 1282 12.70 14.73 -27.34
C LYS A 1282 14.01 14.88 -28.09
N ALA A 1283 14.65 16.05 -28.03
CA ALA A 1283 15.92 16.28 -28.70
C ALA A 1283 17.10 15.69 -27.94
N PHE A 1284 16.90 15.22 -26.71
CA PHE A 1284 17.97 14.71 -25.87
C PHE A 1284 17.81 13.22 -25.62
N GLY A 1285 18.92 12.49 -25.69
CA GLY A 1285 18.95 11.11 -25.28
C GLY A 1285 19.84 10.92 -24.07
N VAL A 1286 19.26 10.62 -22.92
CA VAL A 1286 19.98 10.68 -21.66
C VAL A 1286 20.30 9.28 -21.15
N ILE A 1287 21.29 9.21 -20.28
CA ILE A 1287 21.66 7.99 -19.56
C ILE A 1287 21.71 8.32 -18.08
N PRO A 1288 20.60 8.20 -17.35
CA PRO A 1288 20.58 8.69 -15.97
C PRO A 1288 21.53 7.91 -15.07
N GLN A 1289 21.97 8.57 -13.99
CA GLN A 1289 22.84 7.90 -13.03
C GLN A 1289 22.13 6.73 -12.36
N LYS A 1290 20.85 6.91 -12.03
CA LYS A 1290 20.04 5.84 -11.46
C LYS A 1290 19.39 5.07 -12.62
N VAL A 1291 19.88 3.86 -12.87
CA VAL A 1291 19.38 3.05 -13.97
C VAL A 1291 17.99 2.54 -13.64
N PHE A 1292 17.10 2.57 -14.64
CA PHE A 1292 15.70 2.20 -14.46
C PHE A 1292 15.42 0.89 -15.17
N ILE A 1293 14.98 -0.11 -14.41
CA ILE A 1293 14.53 -1.40 -14.95
C ILE A 1293 13.23 -1.77 -14.26
N PHE A 1294 12.20 -2.08 -15.04
CA PHE A 1294 10.91 -2.45 -14.51
C PHE A 1294 10.60 -3.90 -14.84
N SER A 1295 9.43 -4.36 -14.40
CA SER A 1295 9.03 -5.75 -14.56
C SER A 1295 8.47 -5.96 -15.96
N GLY A 1296 9.21 -6.71 -16.78
CA GLY A 1296 8.76 -6.96 -18.14
C GLY A 1296 9.80 -7.78 -18.88
N THR A 1297 9.56 -7.92 -20.19
CA THR A 1297 10.49 -8.65 -21.02
C THR A 1297 11.68 -7.77 -21.39
N PHE A 1298 12.72 -8.40 -21.94
CA PHE A 1298 13.90 -7.66 -22.37
C PHE A 1298 13.54 -6.68 -23.48
N ARG A 1299 12.73 -7.11 -24.45
CA ARG A 1299 12.31 -6.22 -25.53
C ARG A 1299 11.49 -5.06 -25.00
N LYS A 1300 10.57 -5.33 -24.05
CA LYS A 1300 9.78 -4.26 -23.47
C LYS A 1300 10.67 -3.26 -22.72
N ASN A 1301 11.67 -3.76 -22.00
CA ASN A 1301 12.60 -2.86 -21.32
C ASN A 1301 13.38 -2.01 -22.31
N LEU A 1302 13.86 -2.64 -23.40
CA LEU A 1302 14.65 -1.90 -24.37
C LEU A 1302 13.81 -0.84 -25.08
N ASP A 1303 12.56 -1.14 -25.39
CA ASP A 1303 11.66 -0.11 -25.89
C ASP A 1303 10.22 -0.43 -25.51
N PRO A 1304 9.54 0.46 -24.77
CA PRO A 1304 8.14 0.20 -24.40
C PRO A 1304 7.18 0.46 -25.56
N TYR A 1305 7.52 1.41 -26.42
CA TYR A 1305 6.63 1.77 -27.52
C TYR A 1305 6.53 0.67 -28.58
N GLU A 1306 7.49 -0.26 -28.61
CA GLU A 1306 7.52 -1.35 -29.58
C GLU A 1306 7.51 -0.81 -31.02
N GLN A 1307 8.48 0.04 -31.30
CA GLN A 1307 8.65 0.62 -32.63
C GLN A 1307 9.81 0.00 -33.42
N TRP A 1308 10.64 -0.82 -32.78
CA TRP A 1308 11.75 -1.47 -33.43
C TRP A 1308 11.52 -2.98 -33.47
N SER A 1309 11.97 -3.61 -34.55
CA SER A 1309 11.80 -5.06 -34.70
C SER A 1309 12.91 -5.80 -33.99
N ASP A 1310 12.76 -7.13 -33.90
CA ASP A 1310 13.75 -7.94 -33.22
C ASP A 1310 15.10 -7.89 -33.91
N GLN A 1311 15.12 -7.73 -35.23
CA GLN A 1311 16.39 -7.59 -35.94
C GLN A 1311 17.13 -6.33 -35.50
N GLU A 1312 16.41 -5.20 -35.45
CA GLU A 1312 17.03 -3.95 -35.03
C GLU A 1312 17.44 -4.00 -33.57
N ILE A 1313 16.68 -4.71 -32.73
CA ILE A 1313 17.06 -4.84 -31.33
C ILE A 1313 18.31 -5.71 -31.19
N TRP A 1314 18.35 -6.84 -31.90
CA TRP A 1314 19.48 -7.76 -31.81
C TRP A 1314 20.76 -7.14 -32.33
N LYS A 1315 20.67 -6.29 -33.37
CA LYS A 1315 21.87 -5.65 -33.91
C LYS A 1315 22.53 -4.79 -32.84
N VAL A 1316 21.75 -3.95 -32.16
CA VAL A 1316 22.30 -3.10 -31.11
C VAL A 1316 22.74 -3.92 -29.91
N ALA A 1317 22.00 -4.98 -29.58
CA ALA A 1317 22.37 -5.83 -28.45
C ALA A 1317 23.71 -6.50 -28.69
N ASP A 1318 23.96 -6.97 -29.92
CA ASP A 1318 25.25 -7.56 -30.25
C ASP A 1318 26.35 -6.49 -30.30
N GLU A 1319 26.01 -5.29 -30.77
CA GLU A 1319 26.99 -4.21 -30.81
C GLU A 1319 27.47 -3.84 -29.41
N VAL A 1320 26.54 -3.74 -28.46
CA VAL A 1320 26.90 -3.32 -27.10
C VAL A 1320 27.50 -4.47 -26.30
N GLY A 1321 27.17 -5.71 -26.64
CA GLY A 1321 27.73 -6.86 -25.97
C GLY A 1321 26.79 -7.61 -25.05
N LEU A 1322 25.49 -7.50 -25.24
CA LEU A 1322 24.51 -8.23 -24.44
C LEU A 1322 24.16 -9.59 -25.05
N ARG A 1323 24.87 -10.00 -26.11
CA ARG A 1323 24.60 -11.29 -26.73
C ARG A 1323 24.89 -12.44 -25.78
N SER A 1324 25.97 -12.34 -25.01
CA SER A 1324 26.34 -13.39 -24.07
C SER A 1324 25.59 -13.30 -22.74
N VAL A 1325 24.76 -12.28 -22.56
CA VAL A 1325 23.98 -12.11 -21.34
C VAL A 1325 22.52 -12.44 -21.54
N ILE A 1326 21.95 -12.02 -22.67
CA ILE A 1326 20.55 -12.33 -22.95
C ILE A 1326 20.38 -13.82 -23.21
N GLU A 1327 21.34 -14.45 -23.88
CA GLU A 1327 21.21 -15.82 -24.34
C GLU A 1327 21.52 -16.86 -23.27
N GLN A 1328 21.89 -16.44 -22.06
CA GLN A 1328 22.12 -17.39 -20.97
C GLN A 1328 20.85 -17.67 -20.17
N PHE A 1329 19.72 -17.11 -20.57
CA PHE A 1329 18.46 -17.26 -19.87
C PHE A 1329 17.51 -18.15 -20.66
N PRO A 1330 16.52 -18.77 -20.00
CA PRO A 1330 15.62 -19.69 -20.71
C PRO A 1330 14.94 -19.07 -21.93
N GLY A 1331 14.54 -17.81 -21.85
CA GLY A 1331 13.93 -17.14 -22.98
C GLY A 1331 14.68 -15.90 -23.39
N LYS A 1332 15.29 -15.93 -24.57
CA LYS A 1332 16.03 -14.78 -25.07
C LYS A 1332 15.05 -13.73 -25.59
N LEU A 1333 15.21 -12.50 -25.12
CA LEU A 1333 14.29 -11.39 -25.41
C LEU A 1333 12.85 -11.69 -25.03
N ASP A 1334 12.65 -12.68 -24.16
CA ASP A 1334 11.34 -12.97 -23.62
C ASP A 1334 11.36 -13.26 -22.13
N PHE A 1335 12.52 -13.24 -21.49
CA PHE A 1335 12.60 -13.44 -20.05
C PHE A 1335 11.92 -12.30 -19.32
N VAL A 1336 11.15 -12.63 -18.30
CA VAL A 1336 10.41 -11.64 -17.52
C VAL A 1336 11.29 -11.23 -16.35
N LEU A 1337 12.05 -10.16 -16.53
CA LEU A 1337 12.85 -9.62 -15.44
C LEU A 1337 11.95 -9.17 -14.30
N VAL A 1338 12.31 -9.56 -13.08
CA VAL A 1338 11.52 -9.27 -11.89
C VAL A 1338 12.44 -8.74 -10.80
N ASP A 1339 11.83 -8.33 -9.69
CA ASP A 1339 12.55 -7.80 -8.53
C ASP A 1339 13.43 -6.61 -8.91
N GLY A 1340 12.94 -5.78 -9.82
CA GLY A 1340 13.70 -4.64 -10.28
C GLY A 1340 14.98 -5.00 -11.02
N GLY A 1341 14.91 -6.00 -11.89
CA GLY A 1341 16.09 -6.42 -12.63
C GLY A 1341 17.19 -6.97 -11.76
N CYS A 1342 16.83 -7.75 -10.73
CA CYS A 1342 17.83 -8.30 -9.82
C CYS A 1342 18.60 -9.46 -10.42
N VAL A 1343 18.08 -10.08 -11.49
CA VAL A 1343 18.76 -11.23 -12.09
C VAL A 1343 20.08 -10.79 -12.73
N LEU A 1344 20.10 -9.60 -13.32
CA LEU A 1344 21.30 -9.10 -13.97
C LEU A 1344 22.33 -8.67 -12.92
N SER A 1345 23.46 -8.17 -13.40
CA SER A 1345 24.53 -7.66 -12.55
C SER A 1345 24.70 -6.16 -12.78
N HIS A 1346 25.46 -5.52 -11.88
CA HIS A 1346 25.65 -4.09 -11.97
C HIS A 1346 26.47 -3.69 -13.21
N GLY A 1347 27.34 -4.58 -13.69
CA GLY A 1347 28.07 -4.31 -14.91
C GLY A 1347 27.28 -4.54 -16.18
N HIS A 1348 26.15 -5.24 -16.09
CA HIS A 1348 25.28 -5.44 -17.23
C HIS A 1348 24.12 -4.46 -17.28
N LYS A 1349 23.72 -3.92 -16.12
CA LYS A 1349 22.68 -2.90 -16.12
C LYS A 1349 23.11 -1.65 -16.88
N GLN A 1350 24.36 -1.22 -16.68
CA GLN A 1350 24.87 -0.08 -17.42
C GLN A 1350 24.94 -0.37 -18.91
N LEU A 1351 25.33 -1.59 -19.27
CA LEU A 1351 25.38 -1.95 -20.69
C LEU A 1351 23.99 -1.91 -21.31
N MET A 1352 22.98 -2.40 -20.60
CA MET A 1352 21.63 -2.37 -21.15
C MET A 1352 21.12 -0.94 -21.26
N CYS A 1353 21.46 -0.09 -20.28
CA CYS A 1353 21.08 1.32 -20.38
C CYS A 1353 21.74 1.99 -21.57
N LEU A 1354 23.01 1.67 -21.82
CA LEU A 1354 23.70 2.24 -22.98
C LEU A 1354 23.10 1.72 -24.29
N ALA A 1355 22.69 0.45 -24.32
CA ALA A 1355 22.01 -0.06 -25.50
C ALA A 1355 20.68 0.66 -25.73
N ARG A 1356 19.96 0.94 -24.65
CA ARG A 1356 18.72 1.71 -24.76
C ARG A 1356 19.00 3.10 -25.32
N SER A 1357 20.08 3.74 -24.87
CA SER A 1357 20.44 5.05 -25.40
C SER A 1357 20.82 4.97 -26.88
N VAL A 1358 21.55 3.94 -27.27
CA VAL A 1358 22.00 3.81 -28.65
C VAL A 1358 20.83 3.56 -29.59
N LEU A 1359 19.84 2.77 -29.14
CA LEU A 1359 18.70 2.45 -30.00
C LEU A 1359 17.94 3.70 -30.41
N SER A 1360 17.75 4.63 -29.48
CA SER A 1360 17.02 5.87 -29.75
C SER A 1360 18.02 6.92 -30.21
N LYS A 1361 17.92 7.33 -31.47
CA LYS A 1361 18.89 8.23 -32.08
C LYS A 1361 18.45 9.68 -31.88
N ALA A 1362 19.33 10.48 -31.27
CA ALA A 1362 19.08 11.90 -31.06
C ALA A 1362 20.33 12.68 -31.42
N LYS A 1363 20.14 13.94 -31.78
CA LYS A 1363 21.25 14.78 -32.21
C LYS A 1363 22.02 15.40 -31.05
N ILE A 1364 21.44 15.40 -29.84
CA ILE A 1364 22.14 15.83 -28.64
C ILE A 1364 21.85 14.80 -27.55
N LEU A 1365 22.89 14.42 -26.81
CA LEU A 1365 22.75 13.38 -25.80
C LEU A 1365 23.59 13.73 -24.58
N LEU A 1366 23.00 13.52 -23.41
CA LEU A 1366 23.62 13.87 -22.12
C LEU A 1366 24.03 12.58 -21.44
N LEU A 1367 25.29 12.19 -21.63
CA LEU A 1367 25.82 10.97 -21.01
C LEU A 1367 26.22 11.28 -19.58
N ASP A 1368 25.50 10.69 -18.63
CA ASP A 1368 25.74 10.91 -17.19
C ASP A 1368 26.42 9.65 -16.65
N GLN A 1369 27.74 9.62 -16.74
CA GLN A 1369 28.56 8.51 -16.27
C GLN A 1369 28.15 7.21 -16.94
N PRO A 1370 28.42 7.04 -18.25
CA PRO A 1370 27.98 5.81 -18.93
C PRO A 1370 28.57 4.54 -18.33
N SER A 1371 29.80 4.60 -17.81
CA SER A 1371 30.48 3.44 -17.25
C SER A 1371 30.69 3.69 -15.75
N ALA A 1372 29.89 3.02 -14.92
CA ALA A 1372 29.97 3.22 -13.48
C ALA A 1372 30.92 2.23 -12.82
N HIS A 1373 30.65 0.93 -12.98
CA HIS A 1373 31.45 -0.12 -12.35
C HIS A 1373 32.09 -1.04 -13.38
N LEU A 1374 32.20 -0.60 -14.64
CA LEU A 1374 32.74 -1.44 -15.68
C LEU A 1374 34.26 -1.58 -15.53
N ASP A 1375 34.76 -2.77 -15.88
CA ASP A 1375 36.19 -3.02 -15.85
C ASP A 1375 36.88 -2.34 -17.02
N PRO A 1376 38.21 -2.15 -16.94
CA PRO A 1376 38.93 -1.55 -18.08
C PRO A 1376 38.79 -2.32 -19.37
N VAL A 1377 38.65 -3.65 -19.31
CA VAL A 1377 38.58 -4.45 -20.53
C VAL A 1377 37.25 -4.19 -21.25
N THR A 1378 36.15 -4.16 -20.51
CA THR A 1378 34.84 -3.94 -21.13
C THR A 1378 34.64 -2.49 -21.56
N TYR A 1379 35.42 -1.55 -21.01
CA TYR A 1379 35.30 -0.16 -21.44
C TYR A 1379 35.67 0.02 -22.90
N GLN A 1380 36.43 -0.90 -23.48
CA GLN A 1380 36.70 -0.84 -24.91
C GLN A 1380 35.41 -0.95 -25.71
N ILE A 1381 34.43 -1.70 -25.20
CA ILE A 1381 33.12 -1.75 -25.84
C ILE A 1381 32.44 -0.38 -25.80
N ILE A 1382 32.52 0.30 -24.65
CA ILE A 1382 31.92 1.63 -24.54
C ILE A 1382 32.58 2.59 -25.52
N ARG A 1383 33.90 2.49 -25.67
CA ARG A 1383 34.61 3.39 -26.58
C ARG A 1383 34.31 3.07 -28.04
N ARG A 1384 34.22 1.79 -28.39
CA ARG A 1384 33.87 1.40 -29.75
C ARG A 1384 32.42 1.69 -30.09
N THR A 1385 31.56 1.84 -29.08
CA THR A 1385 30.20 2.29 -29.34
C THR A 1385 30.14 3.81 -29.45
N LEU A 1386 30.87 4.51 -28.59
CA LEU A 1386 30.86 5.96 -28.60
C LEU A 1386 31.41 6.52 -29.90
N LYS A 1387 32.51 5.95 -30.41
CA LYS A 1387 33.06 6.50 -31.64
C LYS A 1387 32.22 6.13 -32.86
N GLN A 1388 31.76 4.90 -32.96
CA GLN A 1388 31.10 4.41 -34.17
C GLN A 1388 29.60 4.65 -34.18
N ALA A 1389 29.01 5.14 -33.09
CA ALA A 1389 27.57 5.41 -33.06
C ALA A 1389 27.23 6.87 -32.78
N PHE A 1390 28.18 7.67 -32.30
CA PHE A 1390 27.92 9.08 -32.01
C PHE A 1390 28.85 9.97 -32.83
N ALA A 1391 28.97 9.68 -34.12
CA ALA A 1391 29.88 10.41 -35.00
C ALA A 1391 29.29 11.71 -35.52
N ASP A 1392 28.05 12.04 -35.17
CA ASP A 1392 27.43 13.29 -35.60
C ASP A 1392 26.86 14.13 -34.47
N CYS A 1393 26.56 13.54 -33.32
CA CYS A 1393 25.92 14.23 -32.21
C CYS A 1393 26.95 14.69 -31.18
N THR A 1394 26.58 15.72 -30.41
CA THR A 1394 27.48 16.36 -29.47
C THR A 1394 27.24 15.78 -28.08
N VAL A 1395 28.03 14.77 -27.74
CA VAL A 1395 27.91 14.16 -26.42
C VAL A 1395 28.36 15.14 -25.34
N ILE A 1396 27.82 14.98 -24.14
CA ILE A 1396 28.25 15.75 -22.97
C ILE A 1396 28.59 14.72 -21.89
N LEU A 1397 29.86 14.33 -21.84
CA LEU A 1397 30.27 13.27 -20.93
C LEU A 1397 30.31 13.78 -19.49
N CYS A 1398 30.19 12.84 -18.55
CA CYS A 1398 30.31 13.12 -17.14
C CYS A 1398 31.23 12.12 -16.44
N GLU A 1399 31.93 11.28 -17.20
CA GLU A 1399 32.71 10.19 -16.64
C GLU A 1399 33.86 10.71 -15.79
N HIS A 1400 34.16 9.96 -14.73
CA HIS A 1400 35.26 10.27 -13.84
C HIS A 1400 36.58 9.64 -14.26
N ARG A 1401 36.57 8.79 -15.28
CA ARG A 1401 37.78 8.09 -15.68
C ARG A 1401 38.76 9.03 -16.37
N ILE A 1402 40.00 9.05 -15.87
CA ILE A 1402 41.02 9.92 -16.44
C ILE A 1402 41.39 9.49 -17.84
N GLU A 1403 41.47 8.17 -18.07
CA GLU A 1403 41.77 7.67 -19.41
C GLU A 1403 40.61 7.86 -20.37
N ALA A 1404 39.41 8.12 -19.86
CA ALA A 1404 38.25 8.40 -20.70
C ALA A 1404 38.03 9.89 -20.92
N MET A 1405 38.59 10.74 -20.06
CA MET A 1405 38.46 12.18 -20.18
C MET A 1405 39.42 12.79 -21.19
N LEU A 1406 39.99 11.99 -22.09
CA LEU A 1406 40.91 12.50 -23.10
C LEU A 1406 40.27 12.59 -24.49
N GLU A 1407 39.15 11.93 -24.72
CA GLU A 1407 38.50 11.95 -26.03
C GLU A 1407 37.46 13.06 -26.11
N CYS A 1408 37.88 14.29 -25.79
CA CYS A 1408 36.97 15.44 -25.76
C CYS A 1408 37.65 16.62 -26.42
N GLN A 1409 36.90 17.71 -26.56
CA GLN A 1409 37.42 18.93 -27.16
C GLN A 1409 37.08 20.20 -26.40
N GLN A 1410 36.18 20.16 -25.41
CA GLN A 1410 35.80 21.35 -24.67
C GLN A 1410 35.40 20.91 -23.26
N PHE A 1411 36.16 21.34 -22.26
CA PHE A 1411 35.97 20.90 -20.89
C PHE A 1411 35.17 21.94 -20.10
N LEU A 1412 34.28 21.46 -19.23
CA LEU A 1412 33.50 22.30 -18.35
C LEU A 1412 33.71 21.82 -16.92
N VAL A 1413 34.31 22.66 -16.08
CA VAL A 1413 34.57 22.35 -14.68
C VAL A 1413 33.61 23.16 -13.83
N ILE A 1414 32.88 22.48 -12.95
CA ILE A 1414 31.94 23.12 -12.04
C ILE A 1414 32.61 23.27 -10.68
N GLU A 1415 32.73 24.51 -10.23
CA GLU A 1415 33.35 24.80 -8.95
C GLU A 1415 32.75 26.08 -8.38
N GLU A 1416 32.32 26.02 -7.12
CA GLU A 1416 31.75 27.17 -6.43
C GLU A 1416 30.56 27.75 -7.18
N ASN A 1417 29.71 26.85 -7.69
CA ASN A 1417 28.46 27.23 -8.37
C ASN A 1417 28.71 28.10 -9.59
N LYS A 1418 29.72 27.75 -10.38
CA LYS A 1418 29.99 28.43 -11.63
C LYS A 1418 30.79 27.49 -12.52
N VAL A 1419 30.76 27.76 -13.82
CA VAL A 1419 31.40 26.90 -14.82
C VAL A 1419 32.49 27.70 -15.52
N ARG A 1420 33.67 27.10 -15.63
CA ARG A 1420 34.78 27.62 -16.41
C ARG A 1420 35.05 26.65 -17.54
N GLN A 1421 35.15 27.15 -18.78
CA GLN A 1421 35.33 26.30 -19.94
C GLN A 1421 36.73 26.51 -20.51
N TYR A 1422 37.48 25.42 -20.62
CA TYR A 1422 38.79 25.40 -21.24
C TYR A 1422 38.71 24.70 -22.59
N ASP A 1423 39.82 24.75 -23.32
CA ASP A 1423 39.88 24.13 -24.64
C ASP A 1423 40.91 23.02 -24.72
N SER A 1424 42.15 23.28 -24.32
CA SER A 1424 43.19 22.26 -24.38
C SER A 1424 42.98 21.20 -23.30
N ILE A 1425 43.37 19.96 -23.63
CA ILE A 1425 43.23 18.86 -22.68
C ILE A 1425 44.14 19.09 -21.47
N GLN A 1426 45.37 19.55 -21.70
CA GLN A 1426 46.31 19.78 -20.62
C GLN A 1426 46.21 21.18 -20.02
N LYS A 1427 45.40 22.07 -20.60
CA LYS A 1427 45.30 23.43 -20.07
C LYS A 1427 44.69 23.44 -18.68
N LEU A 1428 43.65 22.63 -18.46
CA LEU A 1428 42.97 22.59 -17.18
C LEU A 1428 43.65 21.67 -16.17
N LEU A 1429 44.72 20.96 -16.58
CA LEU A 1429 45.46 20.09 -15.68
C LEU A 1429 46.74 20.74 -15.16
N ASN A 1430 46.93 22.03 -15.41
CA ASN A 1430 48.13 22.74 -14.98
C ASN A 1430 47.90 23.66 -13.79
N GLU A 1431 46.72 24.26 -13.67
CA GLU A 1431 46.45 25.15 -12.54
C GLU A 1431 46.42 24.38 -11.22
N ARG A 1432 45.71 23.26 -11.19
CA ARG A 1432 45.58 22.44 -9.99
C ARG A 1432 46.48 21.22 -10.15
N SER A 1433 47.54 21.14 -9.34
CA SER A 1433 48.47 20.02 -9.42
C SER A 1433 47.95 18.78 -8.71
N LEU A 1434 46.95 18.92 -7.84
CA LEU A 1434 46.41 17.77 -7.14
C LEU A 1434 45.75 16.79 -8.10
N PHE A 1435 44.98 17.31 -9.05
CA PHE A 1435 44.28 16.45 -10.01
C PHE A 1435 45.26 15.73 -10.94
N ARG A 1436 46.46 16.27 -11.13
CA ARG A 1436 47.48 15.63 -11.96
C ARG A 1436 48.32 14.64 -11.16
N GLN A 1437 48.62 14.94 -9.90
CA GLN A 1437 49.39 13.99 -9.09
C GLN A 1437 48.54 12.80 -8.67
N ALA A 1438 47.24 13.00 -8.50
CA ALA A 1438 46.35 11.92 -8.10
C ALA A 1438 46.02 11.02 -9.28
MG MG B . 29.49 -5.83 -8.17
MG MG C . 25.84 12.11 -10.33
PG ATP D . 29.90 -6.46 -11.61
O1G ATP D . 31.18 -6.14 -12.31
O2G ATP D . 28.66 -6.09 -12.41
O3G ATP D . 29.80 -5.85 -10.21
PB ATP D . 29.82 -9.07 -10.19
O1B ATP D . 31.20 -9.54 -9.95
O2B ATP D . 29.13 -8.42 -8.99
O3B ATP D . 29.77 -8.03 -11.36
PA ATP D . 27.67 -11.09 -10.12
O1A ATP D . 28.07 -11.86 -8.93
O2A ATP D . 26.50 -10.13 -9.91
O3A ATP D . 28.87 -10.23 -10.71
O5' ATP D . 27.30 -12.08 -11.30
C5' ATP D . 27.03 -13.46 -11.04
C4' ATP D . 26.42 -14.10 -12.26
O4' ATP D . 25.14 -14.68 -11.92
C3' ATP D . 26.13 -13.16 -13.42
O3' ATP D . 26.14 -13.85 -14.67
C2' ATP D . 24.73 -12.65 -13.08
O2' ATP D . 24.01 -12.30 -14.25
C1' ATP D . 24.09 -13.87 -12.41
N9 ATP D . 23.22 -13.53 -11.30
C8 ATP D . 23.40 -12.52 -10.38
N7 ATP D . 22.45 -12.45 -9.48
C5 ATP D . 21.59 -13.49 -9.82
C6 ATP D . 20.38 -13.95 -9.25
N6 ATP D . 19.81 -13.39 -8.17
N1 ATP D . 19.77 -14.99 -9.84
C2 ATP D . 20.34 -15.54 -10.91
N3 ATP D . 21.47 -15.20 -11.53
C4 ATP D . 22.05 -14.15 -10.93
PG ATP E . 28.14 13.77 -8.32
O1G ATP E . 29.28 14.42 -9.02
O2G ATP E . 28.54 13.07 -7.02
O3G ATP E . 27.37 12.77 -9.20
PB ATP E . 26.60 16.31 -8.25
O1B ATP E . 27.66 17.30 -7.98
O2B ATP E . 26.06 16.28 -9.67
O3B ATP E . 27.05 14.84 -7.88
PA ATP E . 23.88 17.08 -7.41
O1A ATP E . 23.35 16.90 -8.77
O2A ATP E . 23.05 16.41 -6.32
O3A ATP E . 25.35 16.52 -7.28
O5' ATP E . 24.04 18.61 -7.04
C5' ATP E . 24.82 19.04 -5.91
C4' ATP E . 23.92 19.27 -4.73
O4' ATP E . 22.55 19.07 -5.11
C3' ATP E . 24.12 18.31 -3.56
O3' ATP E . 25.13 18.80 -2.67
C2' ATP E . 22.74 18.27 -2.89
O2' ATP E . 22.73 19.02 -1.67
C1' ATP E . 21.80 18.91 -3.92
N9 ATP E . 20.61 18.12 -4.22
C8 ATP E . 20.55 16.92 -4.89
N7 ATP E . 19.34 16.44 -5.01
C5 ATP E . 18.54 17.39 -4.39
C6 ATP E . 17.15 17.46 -4.18
N6 ATP E . 16.29 16.53 -4.60
N1 ATP E . 16.68 18.54 -3.52
C2 ATP E . 17.54 19.47 -3.10
N3 ATP E . 18.88 19.50 -3.24
C4 ATP E . 19.31 18.42 -3.89
C310 POV F . -35.36 -18.52 24.59
C311 POV F . -34.11 -17.80 25.08
C33 POV F . -42.72 -21.32 25.99
C34 POV F . -42.71 -20.04 25.17
C35 POV F . -41.65 -19.02 25.59
C36 POV F . -40.24 -19.55 25.37
C37 POV F . -39.15 -18.50 25.55
C38 POV F . -37.83 -18.94 24.91
C39 POV F . -36.65 -18.04 25.25
C310 POV G . -37.24 -26.90 12.58
C311 POV G . -36.19 -26.01 11.94
C32 POV G . -44.86 -29.46 16.85
C33 POV G . -43.93 -28.50 16.12
C34 POV G . -43.31 -27.51 17.09
C35 POV G . -42.32 -26.54 16.46
C36 POV G . -41.26 -27.27 15.62
C37 POV G . -40.11 -26.39 15.19
C38 POV G . -39.17 -27.09 14.22
C39 POV G . -38.11 -26.18 13.60
C310 POV H . -19.97 -22.89 8.08
C311 POV H . -20.63 -24.20 7.68
C312 POV H . -21.42 -24.83 8.81
C313 POV H . -22.78 -24.19 9.06
C314 POV H . -23.50 -24.79 10.26
C315 POV H . -24.92 -24.26 10.45
C32 POV H . -11.18 -22.38 4.05
C33 POV H . -12.59 -22.83 3.69
C34 POV H . -13.35 -23.27 4.93
C35 POV H . -14.70 -23.90 4.65
C36 POV H . -15.54 -24.07 5.90
C37 POV H . -16.56 -22.97 6.14
C38 POV H . -17.69 -23.40 7.07
C39 POV H . -18.87 -22.43 7.12
C310 POV I . -26.55 -24.17 4.05
C311 POV I . -28.05 -24.30 3.86
C312 POV I . -28.82 -24.30 5.17
C35 POV I . -21.41 -25.91 3.35
C36 POV I . -21.93 -25.11 2.17
C37 POV I . -23.44 -25.21 1.96
C38 POV I . -24.24 -24.50 3.04
C39 POV I . -25.74 -24.47 2.79
C310 POV J . -43.62 -12.12 27.94
C311 POV J . -42.77 -13.38 28.07
C312 POV J . -41.61 -13.21 29.04
C313 POV J . -40.49 -12.31 28.53
C314 POV J . -39.33 -13.11 27.94
C315 POV J . -38.07 -12.29 27.73
C316 POV J . -36.86 -13.13 27.33
C34 POV J . -50.39 -14.16 28.85
C35 POV J . -49.20 -13.44 28.24
C36 POV J . -48.15 -14.40 27.68
C37 POV J . -47.02 -13.73 26.93
C38 POV J . -45.95 -13.16 27.86
C39 POV J . -44.90 -12.32 27.12
C1 CLR K . -47.66 -22.09 21.98
C2 CLR K . -49.03 -22.03 22.68
C3 CLR K . -49.83 -23.29 22.44
C4 CLR K . -49.02 -24.53 22.80
C5 CLR K . -47.65 -24.55 22.21
C6 CLR K . -47.12 -25.65 21.67
C7 CLR K . -45.68 -25.84 21.31
C8 CLR K . -44.81 -24.71 21.85
C9 CLR K . -45.52 -23.37 21.60
C10 CLR K . -46.81 -23.30 22.43
C11 CLR K . -44.59 -22.16 21.81
C12 CLR K . -43.21 -22.30 21.18
C13 CLR K . -42.50 -23.57 21.64
C14 CLR K . -43.42 -24.73 21.22
C15 CLR K . -42.57 -25.98 21.40
C16 CLR K . -41.14 -25.49 21.12
C17 CLR K . -41.20 -23.96 20.91
C18 CLR K . -42.25 -23.56 23.15
C19 CLR K . -46.51 -23.20 23.94
C20 CLR K . -39.88 -23.25 21.27
C21 CLR K . -39.71 -21.91 20.56
C22 CLR K . -38.69 -24.17 20.98
C23 CLR K . -37.73 -24.41 22.16
C24 CLR K . -36.88 -23.18 22.48
C25 CLR K . -35.79 -22.84 21.46
C26 CLR K . -34.73 -23.94 21.43
C27 CLR K . -35.12 -21.50 21.76
O1 CLR K . -51.02 -23.20 23.20
C4 WG5 L . -40.35 -1.45 6.48
C5 WG5 L . -39.83 -2.75 6.44
C6 WG5 L . -40.57 -3.78 5.87
C8 WG5 L . -38.38 -3.38 8.33
C10 WG5 L . -36.95 -3.61 8.62
C13 WG5 L . -35.13 -5.04 11.58
C15 WG5 L . -32.72 -4.85 11.54
C17 WG5 L . -34.07 -3.86 9.80
C22 WG5 L . -37.40 -2.92 6.24
C24 WG5 L . -42.17 0.20 6.00
C1 WG5 L . -41.82 -3.52 5.35
C11 WG5 L . -36.56 -4.02 9.84
C12 WG5 L . -35.24 -4.31 10.40
C14 WG5 L . -33.90 -5.31 12.14
C16 WG5 L . -32.83 -4.12 10.36
C18 WG5 L . -31.37 -5.16 12.14
C2 WG5 L . -42.34 -2.23 5.39
C3 WG5 L . -41.62 -1.20 5.96
F25 WG5 L . -43.33 0.25 6.63
F26 WG5 L . -41.36 1.05 6.63
F27 WG5 L . -42.37 0.70 4.79
N7 WG5 L . -38.54 -3.01 6.99
O19 WG5 L . -30.35 -4.69 11.56
O20 WG5 L . -31.34 -5.85 13.18
O9 WG5 L . -39.30 -3.50 9.13
S21 WG5 L . -36.00 -3.32 7.20
S23 WG5 L . -37.28 -2.52 4.64
#